data_6DO2
#
_entry.id   6DO2
#
_cell.length_a   55.410
_cell.length_b   75.020
_cell.length_c   89.480
_cell.angle_alpha   90.000
_cell.angle_beta   99.110
_cell.angle_gamma   90.000
#
_symmetry.space_group_name_H-M   'P 1 21 1'
#
loop_
_entity.id
_entity.type
_entity.pdbx_description
1 polymer 'Endoplasmic reticulum chaperone BiP'
2 non-polymer 7-(2-C-methyl-beta-D-ribofuranosyl)-7H-pyrrolo[2,3-d]pyrimidin-4-amine
3 water water
#
_entity_poly.entity_id   1
_entity_poly.type   'polypeptide(L)'
_entity_poly.pdbx_seq_one_letter_code
;DVGTVVGIDLGTTYSCVGVFKNGRVEIIANDQGNRITPSYVAFTPEGERLIGDAAKNQLTSNPENTVFDAKRLIGRTWND
PSVQQDIKFLPFKVVEKKTKPYIQVDIGGGQTKTFAPEEISAMVLTKMKETAEAYLGKKVTHAVVTVPAYFNDAQRQATK
DAGTIAGLNVMRIINEPTAAAIAYGLDKREGEKNILVFDLGGGTFDVSLLTIDNGVFEVVATNGDTHLGGEDFDQRVMEH
FIKLYKKKTGKDVRKDNRAVQKLRREVEKAKRALSSQHQARIEIESFYEGEDFSETLTRAKFEELNMDLFRSTMKPVQKV
LEDSDLKKSDIDEIVLVGGSTRIPKIQQLVKEFFNGKEPSRGINPDEAVAYGAAVQAGVLSG
;
_entity_poly.pdbx_strand_id   A,B
#
loop_
_chem_comp.id
_chem_comp.type
_chem_comp.name
_chem_comp.formula
H5V non-polymer 7-(2-C-methyl-beta-D-ribofuranosyl)-7H-pyrrolo[2,3-d]pyrimidin-4-amine 'C12 H16 N4 O4'
#
# COMPACT_ATOMS: atom_id res chain seq x y z
N ASP A 1 8.31 1.97 26.85
CA ASP A 1 7.59 2.87 25.94
C ASP A 1 8.56 3.36 24.87
N VAL A 2 8.28 3.00 23.60
CA VAL A 2 9.16 3.35 22.47
C VAL A 2 8.75 4.68 21.79
N GLY A 3 7.55 5.19 22.12
CA GLY A 3 7.01 6.41 21.52
C GLY A 3 6.83 6.27 20.02
N THR A 4 7.01 7.38 19.27
CA THR A 4 6.94 7.34 17.79
C THR A 4 8.31 6.95 17.26
N VAL A 5 8.41 5.72 16.75
CA VAL A 5 9.67 5.21 16.19
C VAL A 5 9.88 5.86 14.80
N VAL A 6 11.12 6.29 14.50
CA VAL A 6 11.44 6.88 13.19
C VAL A 6 12.17 5.85 12.31
N GLY A 7 11.99 5.97 10.98
CA GLY A 7 12.70 5.12 10.02
C GLY A 7 13.78 5.97 9.38
N ILE A 8 15.06 5.56 9.48
CA ILE A 8 16.14 6.37 8.95
C ILE A 8 16.99 5.62 7.94
N ASP A 9 17.13 6.21 6.76
CA ASP A 9 18.05 5.72 5.74
C ASP A 9 19.31 6.55 6.00
N LEU A 10 20.39 5.89 6.51
CA LEU A 10 21.66 6.57 6.80
C LEU A 10 22.55 6.27 5.61
N GLY A 11 22.51 7.17 4.61
CA GLY A 11 23.22 6.90 3.36
C GLY A 11 24.65 7.39 3.30
N THR A 12 25.41 6.90 2.30
CA THR A 12 26.81 7.31 2.17
C THR A 12 26.87 8.81 1.88
N THR A 13 26.01 9.30 0.97
CA THR A 13 26.04 10.70 0.57
C THR A 13 24.85 11.52 1.10
N TYR A 14 23.67 10.89 1.18
CA TYR A 14 22.45 11.53 1.66
C TYR A 14 21.69 10.60 2.58
N SER A 15 20.96 11.18 3.53
CA SER A 15 20.14 10.46 4.48
C SER A 15 18.72 10.98 4.39
N CYS A 16 17.79 10.15 4.83
CA CYS A 16 16.36 10.45 4.76
C CYS A 16 15.66 9.87 6.01
N VAL A 17 14.63 10.57 6.52
CA VAL A 17 13.86 10.14 7.71
C VAL A 17 12.35 10.18 7.40
N GLY A 18 11.67 9.11 7.82
CA GLY A 18 10.23 8.97 7.70
C GLY A 18 9.60 8.53 9.01
N VAL A 19 8.31 8.75 9.14
CA VAL A 19 7.51 8.31 10.29
C VAL A 19 6.18 7.82 9.78
N PHE A 20 5.48 7.01 10.60
CA PHE A 20 4.12 6.57 10.26
C PHE A 20 3.19 7.45 11.10
N LYS A 21 2.38 8.29 10.44
CA LYS A 21 1.50 9.23 11.14
C LYS A 21 0.17 9.36 10.41
N ASN A 22 -0.94 9.31 11.17
CA ASN A 22 -2.31 9.37 10.63
C ASN A 22 -2.55 8.38 9.47
N GLY A 23 -2.15 7.14 9.70
CA GLY A 23 -2.33 6.02 8.77
C GLY A 23 -1.43 5.92 7.55
N ARG A 24 -0.37 6.76 7.46
CA ARG A 24 0.50 6.65 6.28
C ARG A 24 1.92 7.09 6.60
N VAL A 25 2.88 6.72 5.73
CA VAL A 25 4.25 7.15 5.88
C VAL A 25 4.36 8.62 5.45
N GLU A 26 5.08 9.40 6.24
CA GLU A 26 5.39 10.80 5.98
C GLU A 26 6.89 10.90 5.92
N ILE A 27 7.44 11.38 4.79
CA ILE A 27 8.89 11.64 4.67
C ILE A 27 9.03 13.09 5.13
N ILE A 28 9.96 13.32 6.05
CA ILE A 28 10.10 14.60 6.72
C ILE A 28 11.15 15.51 6.09
N ALA A 29 10.75 16.76 5.80
CA ALA A 29 11.69 17.74 5.28
C ALA A 29 12.52 18.32 6.43
N ASN A 30 13.78 18.60 6.16
CA ASN A 30 14.68 19.20 7.16
C ASN A 30 14.46 20.75 7.30
N ASP A 31 15.33 21.42 8.09
CA ASP A 31 15.20 22.86 8.34
C ASP A 31 15.46 23.72 7.08
N GLN A 32 16.03 23.11 6.01
CA GLN A 32 16.27 23.80 4.73
C GLN A 32 15.19 23.46 3.68
N GLY A 33 14.18 22.71 4.11
CA GLY A 33 13.05 22.38 3.25
C GLY A 33 13.28 21.19 2.34
N ASN A 34 14.35 20.40 2.62
CA ASN A 34 14.72 19.24 1.81
C ASN A 34 14.34 17.90 2.44
N ARG A 35 13.77 17.01 1.61
CA ARG A 35 13.36 15.65 2.06
C ARG A 35 14.53 14.65 2.15
N ILE A 36 15.71 15.07 1.69
CA ILE A 36 16.96 14.32 1.86
C ILE A 36 17.98 15.30 2.43
N THR A 37 18.88 14.77 3.27
CA THR A 37 19.91 15.55 3.95
C THR A 37 21.30 14.99 3.63
N PRO A 38 22.25 15.85 3.20
CA PRO A 38 23.62 15.33 2.98
C PRO A 38 24.23 14.75 4.25
N SER A 39 24.89 13.58 4.12
CA SER A 39 25.57 12.96 5.25
C SER A 39 26.95 13.64 5.41
N TYR A 40 26.92 14.94 5.74
CA TYR A 40 28.08 15.83 5.82
C TYR A 40 28.13 16.57 7.12
N VAL A 41 29.36 16.79 7.62
CA VAL A 41 29.59 17.56 8.83
C VAL A 41 30.72 18.55 8.48
N ALA A 42 30.61 19.83 8.89
CA ALA A 42 31.70 20.77 8.68
C ALA A 42 31.88 21.64 9.94
N PHE A 43 33.04 22.26 10.11
CA PHE A 43 33.29 23.15 11.26
C PHE A 43 33.73 24.49 10.76
N THR A 44 32.99 25.57 11.12
CA THR A 44 33.30 26.96 10.71
C THR A 44 34.59 27.45 11.43
N PRO A 45 35.25 28.55 10.97
CA PRO A 45 36.44 29.04 11.69
C PRO A 45 36.11 29.43 13.15
N GLU A 46 34.89 29.96 13.38
CA GLU A 46 34.38 30.38 14.70
C GLU A 46 34.06 29.20 15.61
N GLY A 47 34.12 27.98 15.07
CA GLY A 47 33.84 26.79 15.84
C GLY A 47 32.43 26.29 15.79
N GLU A 48 31.63 26.76 14.82
CA GLU A 48 30.27 26.25 14.70
C GLU A 48 30.29 24.90 13.99
N ARG A 49 29.55 23.92 14.51
CA ARG A 49 29.41 22.61 13.90
C ARG A 49 28.19 22.66 12.98
N LEU A 50 28.43 22.49 11.66
CA LEU A 50 27.40 22.44 10.63
C LEU A 50 27.12 20.99 10.24
N ILE A 51 25.83 20.63 10.09
CA ILE A 51 25.43 19.26 9.67
C ILE A 51 24.43 19.38 8.50
N GLY A 52 24.59 18.48 7.50
CA GLY A 52 23.71 18.40 6.34
C GLY A 52 23.96 19.46 5.28
N ASP A 53 22.89 20.06 4.78
CA ASP A 53 22.97 21.06 3.70
C ASP A 53 23.96 22.19 4.01
N ALA A 54 23.93 22.77 5.24
CA ALA A 54 24.83 23.88 5.61
C ALA A 54 26.30 23.46 5.54
N ALA A 55 26.56 22.20 5.91
CA ALA A 55 27.89 21.60 5.85
C ALA A 55 28.35 21.43 4.40
N LYS A 56 27.51 20.83 3.53
CA LYS A 56 27.83 20.57 2.12
C LYS A 56 27.94 21.84 1.30
N ASN A 57 27.12 22.85 1.60
CA ASN A 57 27.07 24.08 0.82
C ASN A 57 27.93 25.22 1.37
N GLN A 58 28.68 24.99 2.47
CA GLN A 58 29.60 26.00 3.02
C GLN A 58 30.74 26.19 2.03
N LEU A 59 30.87 27.43 1.49
CA LEU A 59 31.94 27.82 0.58
C LEU A 59 33.23 27.59 1.34
N THR A 60 33.97 26.57 0.89
CA THR A 60 35.16 26.02 1.49
C THR A 60 36.09 27.07 2.10
N SER A 61 36.46 26.73 3.31
CA SER A 61 37.38 27.35 4.24
C SER A 61 37.85 26.13 5.00
N ASN A 62 37.24 24.97 4.63
CA ASN A 62 37.44 23.68 5.25
C ASN A 62 37.39 22.47 4.29
N PRO A 63 38.14 22.35 3.15
CA PRO A 63 38.09 21.06 2.42
C PRO A 63 38.63 19.97 3.34
N GLU A 64 39.64 20.31 4.16
CA GLU A 64 40.19 19.36 5.12
C GLU A 64 39.36 19.27 6.42
N ASN A 65 38.50 20.24 6.70
CA ASN A 65 37.64 20.20 7.90
C ASN A 65 36.17 19.88 7.61
N THR A 66 35.86 19.35 6.39
CA THR A 66 34.50 18.94 6.03
C THR A 66 34.54 17.44 5.93
N VAL A 67 33.70 16.79 6.71
CA VAL A 67 33.70 15.34 6.78
C VAL A 67 32.49 14.78 6.06
N PHE A 68 32.71 13.74 5.27
CA PHE A 68 31.68 13.06 4.51
C PHE A 68 32.19 11.64 4.25
N ASP A 69 31.33 10.77 3.67
CA ASP A 69 31.71 9.38 3.34
C ASP A 69 32.16 8.57 4.57
N ALA A 70 31.68 8.97 5.79
CA ALA A 70 32.03 8.19 7.01
C ALA A 70 31.51 6.77 6.92
N LYS A 71 30.46 6.53 6.11
CA LYS A 71 29.89 5.19 5.93
C LYS A 71 30.91 4.23 5.27
N ARG A 72 31.94 4.77 4.55
CA ARG A 72 33.00 3.93 3.94
C ARG A 72 33.95 3.42 5.02
N LEU A 73 33.98 4.10 6.17
CA LEU A 73 34.96 3.79 7.23
C LEU A 73 34.30 3.11 8.44
N ILE A 74 32.99 3.30 8.64
CA ILE A 74 32.29 2.78 9.82
C ILE A 74 32.42 1.24 9.96
N GLY A 75 32.65 0.81 11.20
CA GLY A 75 32.79 -0.62 11.51
C GLY A 75 33.98 -1.32 10.90
N ARG A 76 34.99 -0.54 10.41
CA ARG A 76 36.19 -1.15 9.82
C ARG A 76 37.42 -0.81 10.64
N THR A 77 38.44 -1.65 10.56
CA THR A 77 39.70 -1.36 11.24
C THR A 77 40.54 -0.41 10.34
N TRP A 78 41.48 0.32 10.95
CA TRP A 78 42.39 1.20 10.24
C TRP A 78 43.15 0.45 9.12
N ASN A 79 43.65 -0.78 9.40
CA ASN A 79 44.46 -1.50 8.43
C ASN A 79 43.61 -2.29 7.38
N ASP A 80 42.29 -2.18 7.42
CA ASP A 80 41.42 -2.83 6.43
C ASP A 80 41.87 -2.28 5.02
N PRO A 81 42.18 -3.15 4.01
CA PRO A 81 42.66 -2.63 2.71
C PRO A 81 41.69 -1.64 2.05
N SER A 82 40.37 -1.81 2.28
CA SER A 82 39.34 -0.89 1.76
C SER A 82 39.56 0.52 2.33
N VAL A 83 39.84 0.62 3.64
CA VAL A 83 40.10 1.87 4.35
C VAL A 83 41.36 2.53 3.81
N GLN A 84 42.43 1.74 3.67
CA GLN A 84 43.73 2.23 3.18
C GLN A 84 43.62 2.79 1.76
N GLN A 85 42.73 2.21 0.93
CA GLN A 85 42.49 2.74 -0.42
C GLN A 85 41.63 4.00 -0.32
N ASP A 86 40.52 3.96 0.44
CA ASP A 86 39.60 5.11 0.54
C ASP A 86 40.22 6.37 1.07
N ILE A 87 41.11 6.28 2.05
CA ILE A 87 41.74 7.47 2.65
C ILE A 87 42.59 8.25 1.62
N LYS A 88 43.03 7.58 0.52
CA LYS A 88 43.80 8.25 -0.56
C LYS A 88 42.95 9.32 -1.28
N PHE A 89 41.62 9.10 -1.34
CA PHE A 89 40.68 10.00 -2.04
C PHE A 89 39.90 10.93 -1.10
N LEU A 90 40.13 10.84 0.20
CA LEU A 90 39.44 11.67 1.21
C LEU A 90 40.28 12.87 1.61
N PRO A 91 39.70 14.09 1.53
CA PRO A 91 40.50 15.30 1.79
C PRO A 91 40.82 15.61 3.24
N PHE A 92 40.06 15.02 4.18
CA PHE A 92 40.26 15.21 5.61
C PHE A 92 41.23 14.14 6.10
N LYS A 93 41.93 14.40 7.22
CA LYS A 93 42.92 13.48 7.80
C LYS A 93 42.24 12.29 8.47
N VAL A 94 42.80 11.11 8.27
CA VAL A 94 42.35 9.88 8.91
C VAL A 94 43.57 9.30 9.61
N VAL A 95 43.42 9.00 10.92
CA VAL A 95 44.51 8.51 11.75
C VAL A 95 44.13 7.20 12.44
N GLU A 96 45.16 6.37 12.74
CA GLU A 96 44.90 5.12 13.45
C GLU A 96 44.73 5.43 14.96
N LYS A 97 43.62 5.01 15.54
CA LYS A 97 43.35 5.16 16.97
C LYS A 97 42.45 4.03 17.41
N LYS A 98 42.83 3.34 18.52
CA LYS A 98 42.04 2.21 19.06
C LYS A 98 41.70 1.20 17.94
N THR A 99 42.70 0.92 17.06
CA THR A 99 42.65 -0.01 15.91
C THR A 99 41.79 0.49 14.75
N LYS A 100 41.14 1.66 14.90
CA LYS A 100 40.17 2.16 13.95
C LYS A 100 40.63 3.42 13.17
N PRO A 101 39.99 3.69 12.01
CA PRO A 101 40.32 4.92 11.27
C PRO A 101 39.52 6.10 11.82
N TYR A 102 40.13 6.87 12.72
CA TYR A 102 39.48 8.05 13.29
C TYR A 102 39.73 9.24 12.38
N ILE A 103 38.78 10.18 12.35
CA ILE A 103 38.84 11.37 11.52
C ILE A 103 39.38 12.49 12.37
N GLN A 104 40.39 13.19 11.88
CA GLN A 104 40.99 14.29 12.62
C GLN A 104 40.73 15.60 11.89
N VAL A 105 40.13 16.57 12.57
CA VAL A 105 39.84 17.89 11.98
C VAL A 105 40.14 19.02 12.98
N ASP A 106 40.25 20.26 12.50
CA ASP A 106 40.37 21.48 13.30
C ASP A 106 38.92 22.03 13.51
N ILE A 107 38.39 21.94 14.76
CA ILE A 107 37.00 22.33 15.09
C ILE A 107 36.80 23.86 15.24
N GLY A 108 37.87 24.63 15.00
CA GLY A 108 37.88 26.08 15.11
C GLY A 108 39.05 26.58 15.93
N GLY A 109 39.68 27.65 15.43
CA GLY A 109 40.81 28.31 16.08
C GLY A 109 42.05 27.47 16.28
N GLY A 110 42.23 26.47 15.43
CA GLY A 110 43.36 25.55 15.51
C GLY A 110 43.22 24.42 16.49
N GLN A 111 42.03 24.24 17.10
CA GLN A 111 41.72 23.16 18.04
C GLN A 111 41.45 21.86 17.28
N THR A 112 42.34 20.89 17.41
CA THR A 112 42.29 19.60 16.74
C THR A 112 41.40 18.66 17.56
N LYS A 113 40.50 17.93 16.89
CA LYS A 113 39.66 16.91 17.54
C LYS A 113 39.65 15.67 16.67
N THR A 114 39.57 14.50 17.31
CA THR A 114 39.56 13.22 16.60
C THR A 114 38.21 12.54 16.86
N PHE A 115 37.57 12.01 15.80
CA PHE A 115 36.24 11.40 15.91
C PHE A 115 36.23 10.03 15.30
N ALA A 116 35.61 9.05 15.99
CA ALA A 116 35.44 7.73 15.38
C ALA A 116 34.41 7.87 14.24
N PRO A 117 34.46 7.00 13.19
CA PRO A 117 33.44 7.09 12.13
C PRO A 117 32.01 7.08 12.67
N GLU A 118 31.73 6.25 13.71
CA GLU A 118 30.37 6.22 14.29
C GLU A 118 30.01 7.53 15.02
N GLU A 119 31.02 8.33 15.47
CA GLU A 119 30.75 9.64 16.09
C GLU A 119 30.31 10.63 14.98
N ILE A 120 30.91 10.53 13.79
CA ILE A 120 30.48 11.39 12.66
C ILE A 120 29.06 10.94 12.24
N SER A 121 28.85 9.63 12.06
CA SER A 121 27.51 9.15 11.69
C SER A 121 26.47 9.51 12.78
N ALA A 122 26.90 9.55 14.06
CA ALA A 122 26.02 9.97 15.16
C ALA A 122 25.59 11.44 14.96
N MET A 123 26.50 12.33 14.47
CA MET A 123 26.12 13.70 14.20
C MET A 123 25.03 13.77 13.11
N VAL A 124 25.19 12.95 12.05
CA VAL A 124 24.19 12.86 10.95
C VAL A 124 22.87 12.34 11.52
N LEU A 125 22.93 11.29 12.36
CA LEU A 125 21.69 10.77 12.98
C LEU A 125 21.02 11.79 13.90
N THR A 126 21.81 12.59 14.65
CA THR A 126 21.30 13.67 15.51
C THR A 126 20.52 14.64 14.64
N LYS A 127 21.09 15.00 13.46
CA LYS A 127 20.39 15.87 12.52
C LYS A 127 19.06 15.24 12.06
N MET A 128 19.06 13.94 11.76
CA MET A 128 17.84 13.28 11.31
C MET A 128 16.79 13.22 12.44
N LYS A 129 17.27 12.99 13.67
CA LYS A 129 16.45 12.93 14.89
C LYS A 129 15.81 14.31 15.11
N GLU A 130 16.60 15.41 15.03
CA GLU A 130 16.09 16.78 15.18
C GLU A 130 15.08 17.14 14.09
N THR A 131 15.30 16.64 12.84
CA THR A 131 14.38 16.86 11.72
C THR A 131 13.00 16.23 12.08
N ALA A 132 13.02 15.00 12.59
CA ALA A 132 11.79 14.29 12.96
C ALA A 132 11.12 14.94 14.18
N GLU A 133 11.91 15.37 15.17
CA GLU A 133 11.37 16.01 16.38
C GLU A 133 10.69 17.34 16.09
N ALA A 134 11.25 18.13 15.15
CA ALA A 134 10.63 19.40 14.75
C ALA A 134 9.25 19.12 14.09
N TYR A 135 9.15 18.04 13.30
CA TYR A 135 7.93 17.65 12.63
C TYR A 135 6.86 17.13 13.63
N LEU A 136 7.26 16.22 14.53
CA LEU A 136 6.37 15.57 15.49
C LEU A 136 6.00 16.46 16.68
N GLY A 137 6.81 17.47 16.94
CA GLY A 137 6.62 18.39 18.07
C GLY A 137 6.85 17.73 19.42
N LYS A 138 7.64 16.66 19.44
CA LYS A 138 7.98 15.89 20.64
C LYS A 138 9.29 15.15 20.44
N LYS A 139 9.86 14.62 21.53
CA LYS A 139 11.13 13.90 21.46
C LYS A 139 10.99 12.51 20.83
N VAL A 140 12.05 12.06 20.16
CA VAL A 140 12.18 10.75 19.51
C VAL A 140 13.29 10.00 20.27
N THR A 141 13.04 8.73 20.61
CA THR A 141 14.02 7.92 21.36
C THR A 141 14.40 6.63 20.65
N HIS A 142 13.55 6.13 19.73
CA HIS A 142 13.78 4.86 19.07
C HIS A 142 13.72 5.00 17.55
N ALA A 143 14.50 4.15 16.90
CA ALA A 143 14.59 4.16 15.44
C ALA A 143 14.79 2.81 14.82
N VAL A 144 14.39 2.69 13.54
CA VAL A 144 14.69 1.58 12.64
C VAL A 144 15.72 2.23 11.68
N VAL A 145 16.94 1.65 11.58
CA VAL A 145 17.99 2.21 10.72
C VAL A 145 18.39 1.18 9.67
N THR A 146 18.56 1.64 8.42
CA THR A 146 18.94 0.72 7.35
C THR A 146 20.44 0.69 7.12
N VAL A 147 20.92 -0.43 6.56
CA VAL A 147 22.33 -0.60 6.20
C VAL A 147 22.40 -1.35 4.87
N PRO A 148 23.54 -1.29 4.16
CA PRO A 148 23.68 -2.10 2.94
C PRO A 148 23.66 -3.59 3.28
N ALA A 149 23.13 -4.39 2.37
CA ALA A 149 22.97 -5.83 2.60
C ALA A 149 24.31 -6.52 2.90
N TYR A 150 25.41 -5.98 2.33
CA TYR A 150 26.76 -6.58 2.49
C TYR A 150 27.42 -6.20 3.82
N PHE A 151 26.79 -5.30 4.61
CA PHE A 151 27.36 -4.89 5.92
C PHE A 151 27.55 -6.12 6.80
N ASN A 152 28.72 -6.20 7.42
CA ASN A 152 29.06 -7.35 8.28
C ASN A 152 28.70 -7.03 9.74
N ASP A 153 29.07 -7.91 10.70
CA ASP A 153 28.75 -7.69 12.12
C ASP A 153 29.29 -6.40 12.69
N ALA A 154 30.60 -6.08 12.47
CA ALA A 154 31.18 -4.85 13.03
C ALA A 154 30.50 -3.60 12.46
N GLN A 155 30.17 -3.63 11.17
CA GLN A 155 29.51 -2.50 10.51
C GLN A 155 28.07 -2.27 11.02
N ARG A 156 27.32 -3.37 11.25
CA ARG A 156 25.96 -3.25 11.80
C ARG A 156 26.04 -2.76 13.23
N GLN A 157 26.98 -3.30 14.04
CA GLN A 157 27.14 -2.86 15.44
C GLN A 157 27.56 -1.39 15.53
N ALA A 158 28.52 -0.98 14.69
CA ALA A 158 29.00 0.40 14.69
C ALA A 158 27.86 1.37 14.31
N THR A 159 26.94 0.91 13.44
CA THR A 159 25.77 1.72 13.05
C THR A 159 24.82 1.87 14.25
N LYS A 160 24.60 0.75 15.01
CA LYS A 160 23.78 0.81 16.22
C LYS A 160 24.44 1.75 17.23
N ASP A 161 25.79 1.70 17.31
CA ASP A 161 26.57 2.54 18.25
C ASP A 161 26.45 4.01 17.87
N ALA A 162 26.42 4.33 16.55
CA ALA A 162 26.21 5.71 16.10
C ALA A 162 24.83 6.20 16.62
N GLY A 163 23.82 5.32 16.55
CA GLY A 163 22.49 5.61 17.07
C GLY A 163 22.53 5.92 18.55
N THR A 164 23.24 5.07 19.33
CA THR A 164 23.36 5.25 20.80
C THR A 164 23.95 6.62 21.14
N ILE A 165 25.03 7.01 20.44
CA ILE A 165 25.72 8.29 20.65
C ILE A 165 24.73 9.44 20.39
N ALA A 166 23.87 9.27 19.36
CA ALA A 166 22.84 10.25 18.99
C ALA A 166 21.58 10.26 19.89
N GLY A 167 21.51 9.38 20.87
CA GLY A 167 20.35 9.27 21.76
C GLY A 167 19.19 8.48 21.15
N LEU A 168 19.50 7.61 20.19
CA LEU A 168 18.53 6.75 19.54
C LEU A 168 18.78 5.30 19.86
N ASN A 169 17.72 4.65 20.29
CA ASN A 169 17.76 3.22 20.52
C ASN A 169 17.39 2.60 19.16
N VAL A 170 18.40 2.07 18.48
CA VAL A 170 18.23 1.45 17.16
C VAL A 170 17.66 0.06 17.40
N MET A 171 16.33 -0.03 17.40
CA MET A 171 15.52 -1.23 17.67
C MET A 171 15.73 -2.33 16.67
N ARG A 172 15.92 -1.94 15.41
CA ARG A 172 16.10 -2.86 14.29
C ARG A 172 17.05 -2.27 13.29
N ILE A 173 17.98 -3.09 12.80
CA ILE A 173 18.87 -2.77 11.68
C ILE A 173 18.29 -3.61 10.54
N ILE A 174 17.86 -2.95 9.45
CA ILE A 174 17.28 -3.68 8.32
C ILE A 174 18.09 -3.41 7.05
N ASN A 175 18.16 -4.37 6.14
CA ASN A 175 18.92 -4.21 4.90
C ASN A 175 18.21 -3.19 3.98
N GLU A 176 18.99 -2.27 3.40
CA GLU A 176 18.48 -1.24 2.47
C GLU A 176 17.62 -1.87 1.34
N PRO A 177 18.07 -2.91 0.59
CA PRO A 177 17.21 -3.43 -0.50
C PRO A 177 15.87 -3.96 0.02
N THR A 178 15.91 -4.60 1.21
CA THR A 178 14.72 -5.13 1.90
C THR A 178 13.74 -3.99 2.24
N ALA A 179 14.23 -2.89 2.80
CA ALA A 179 13.43 -1.70 3.16
C ALA A 179 12.76 -1.16 1.89
N ALA A 180 13.48 -1.06 0.75
CA ALA A 180 12.88 -0.59 -0.50
C ALA A 180 11.77 -1.53 -0.97
N ALA A 181 11.98 -2.88 -0.85
CA ALA A 181 10.96 -3.90 -1.21
C ALA A 181 9.71 -3.75 -0.31
N ILE A 182 9.91 -3.49 0.99
CA ILE A 182 8.81 -3.28 1.96
C ILE A 182 8.02 -2.02 1.58
N ALA A 183 8.73 -0.94 1.16
CA ALA A 183 8.10 0.33 0.76
C ALA A 183 7.06 0.07 -0.32
N TYR A 184 7.41 -0.82 -1.28
CA TYR A 184 6.55 -1.23 -2.38
C TYR A 184 5.54 -2.34 -2.01
N GLY A 185 5.50 -2.72 -0.74
CA GLY A 185 4.56 -3.75 -0.27
C GLY A 185 4.81 -5.14 -0.84
N LEU A 186 6.06 -5.43 -1.26
CA LEU A 186 6.44 -6.71 -1.89
C LEU A 186 6.43 -7.89 -0.92
N ASP A 187 6.43 -7.62 0.39
CA ASP A 187 6.38 -8.61 1.45
C ASP A 187 4.94 -9.08 1.69
N LYS A 188 3.95 -8.35 1.11
CA LYS A 188 2.51 -8.68 1.20
C LYS A 188 2.02 -9.50 -0.01
N ARG A 189 2.94 -10.17 -0.73
CA ARG A 189 2.65 -10.99 -1.91
C ARG A 189 2.76 -12.48 -1.64
N GLU A 190 1.84 -13.25 -2.22
CA GLU A 190 1.77 -14.71 -2.08
C GLU A 190 2.78 -15.47 -2.96
N GLY A 191 3.32 -16.56 -2.42
CA GLY A 191 4.28 -17.41 -3.11
C GLY A 191 5.70 -16.90 -3.09
N GLU A 192 6.60 -17.58 -3.80
CA GLU A 192 8.01 -17.19 -3.85
C GLU A 192 8.30 -16.29 -5.05
N LYS A 193 8.92 -15.15 -4.81
CA LYS A 193 9.26 -14.21 -5.87
C LYS A 193 10.71 -13.78 -5.74
N ASN A 194 11.37 -13.53 -6.90
CA ASN A 194 12.75 -13.04 -6.98
C ASN A 194 12.68 -11.55 -7.28
N ILE A 195 13.33 -10.75 -6.43
CA ILE A 195 13.35 -9.29 -6.49
C ILE A 195 14.75 -8.82 -6.81
N LEU A 196 14.86 -7.98 -7.85
CA LEU A 196 16.14 -7.39 -8.21
C LEU A 196 16.08 -5.91 -7.76
N VAL A 197 16.97 -5.54 -6.82
CA VAL A 197 17.03 -4.18 -6.34
C VAL A 197 18.24 -3.53 -6.98
N PHE A 198 17.98 -2.46 -7.75
CA PHE A 198 19.00 -1.71 -8.49
C PHE A 198 19.13 -0.35 -7.80
N ASP A 199 20.18 -0.21 -6.98
CA ASP A 199 20.36 0.96 -6.12
C ASP A 199 21.56 1.78 -6.52
N LEU A 200 21.29 2.88 -7.23
CA LEU A 200 22.34 3.78 -7.70
C LEU A 200 22.24 5.04 -6.86
N GLY A 201 23.09 5.09 -5.84
CA GLY A 201 23.14 6.18 -4.88
C GLY A 201 23.98 7.34 -5.35
N GLY A 202 24.26 8.26 -4.45
CA GLY A 202 25.10 9.40 -4.80
C GLY A 202 26.57 9.04 -4.95
N GLY A 203 27.03 8.01 -4.24
CA GLY A 203 28.43 7.61 -4.32
C GLY A 203 28.70 6.14 -4.50
N THR A 204 27.64 5.31 -4.37
CA THR A 204 27.75 3.86 -4.45
C THR A 204 26.65 3.27 -5.33
N PHE A 205 26.96 2.09 -5.92
CA PHE A 205 26.03 1.34 -6.76
C PHE A 205 25.90 -0.04 -6.19
N ASP A 206 24.70 -0.40 -5.74
CA ASP A 206 24.48 -1.72 -5.14
C ASP A 206 23.38 -2.45 -5.86
N VAL A 207 23.67 -3.68 -6.28
CA VAL A 207 22.66 -4.53 -6.88
C VAL A 207 22.45 -5.68 -5.89
N SER A 208 21.19 -5.96 -5.54
CA SER A 208 20.88 -7.06 -4.61
C SER A 208 19.78 -7.93 -5.16
N LEU A 209 19.97 -9.24 -5.05
CA LEU A 209 18.97 -10.20 -5.45
C LEU A 209 18.36 -10.74 -4.18
N LEU A 210 17.04 -10.50 -4.00
CA LEU A 210 16.32 -10.97 -2.82
C LEU A 210 15.28 -11.96 -3.23
N THR A 211 14.95 -12.87 -2.31
CA THR A 211 13.82 -13.75 -2.51
C THR A 211 12.85 -13.40 -1.40
N ILE A 212 11.56 -13.46 -1.71
CA ILE A 212 10.49 -13.27 -0.77
C ILE A 212 9.67 -14.55 -0.76
N ASP A 213 9.47 -15.13 0.41
CA ASP A 213 8.71 -16.37 0.54
C ASP A 213 7.88 -16.32 1.82
N ASN A 214 6.55 -16.30 1.67
CA ASN A 214 5.57 -16.24 2.77
C ASN A 214 5.91 -15.11 3.79
N GLY A 215 6.22 -13.92 3.25
CA GLY A 215 6.57 -12.73 4.02
C GLY A 215 8.01 -12.62 4.52
N VAL A 216 8.85 -13.64 4.23
CA VAL A 216 10.24 -13.70 4.69
C VAL A 216 11.24 -13.35 3.58
N PHE A 217 12.14 -12.38 3.86
CA PHE A 217 13.18 -11.93 2.93
C PHE A 217 14.49 -12.67 3.12
N GLU A 218 15.17 -12.95 2.02
CA GLU A 218 16.49 -13.56 2.04
C GLU A 218 17.36 -12.83 1.00
N VAL A 219 18.54 -12.36 1.43
CA VAL A 219 19.49 -11.72 0.50
C VAL A 219 20.29 -12.89 -0.10
N VAL A 220 20.09 -13.15 -1.40
CA VAL A 220 20.73 -14.28 -2.09
C VAL A 220 22.14 -13.92 -2.60
N ALA A 221 22.29 -12.75 -3.22
CA ALA A 221 23.56 -12.30 -3.78
C ALA A 221 23.59 -10.80 -3.88
N THR A 222 24.80 -10.23 -3.78
CA THR A 222 24.99 -8.78 -3.88
C THR A 222 26.18 -8.51 -4.79
N ASN A 223 26.13 -7.40 -5.51
CA ASN A 223 27.23 -6.94 -6.36
C ASN A 223 27.05 -5.42 -6.57
N GLY A 224 27.87 -4.83 -7.42
CA GLY A 224 27.79 -3.41 -7.70
C GLY A 224 29.16 -2.82 -7.89
N ASP A 225 29.27 -1.53 -7.62
CA ASP A 225 30.51 -0.80 -7.72
C ASP A 225 30.50 0.16 -6.56
N THR A 226 31.45 -0.03 -5.63
CA THR A 226 31.57 0.78 -4.41
C THR A 226 31.87 2.26 -4.65
N HIS A 227 32.37 2.62 -5.84
CA HIS A 227 32.74 3.99 -6.17
C HIS A 227 32.10 4.49 -7.48
N LEU A 228 30.81 4.19 -7.67
CA LEU A 228 30.05 4.67 -8.81
C LEU A 228 28.72 5.21 -8.31
N GLY A 229 28.40 6.47 -8.65
CA GLY A 229 27.13 7.03 -8.24
C GLY A 229 26.83 8.37 -8.88
N GLY A 230 25.72 8.98 -8.47
CA GLY A 230 25.31 10.30 -8.99
C GLY A 230 26.40 11.35 -9.01
N GLU A 231 27.29 11.40 -7.97
CA GLU A 231 28.40 12.36 -7.93
C GLU A 231 29.36 12.24 -9.12
N ASP A 232 29.57 10.99 -9.60
CA ASP A 232 30.43 10.72 -10.73
C ASP A 232 29.90 11.33 -12.03
N PHE A 233 28.56 11.36 -12.16
CA PHE A 233 27.90 11.97 -13.34
C PHE A 233 28.11 13.48 -13.27
N ASP A 234 28.02 14.09 -12.06
CA ASP A 234 28.28 15.52 -11.87
C ASP A 234 29.71 15.83 -12.29
N GLN A 235 30.68 14.98 -11.88
CA GLN A 235 32.10 15.18 -12.21
C GLN A 235 32.39 15.17 -13.70
N ARG A 236 31.71 14.28 -14.45
CA ARG A 236 31.89 14.22 -15.90
C ARG A 236 31.42 15.50 -16.58
N VAL A 237 30.33 16.10 -16.04
CA VAL A 237 29.80 17.38 -16.52
C VAL A 237 30.73 18.51 -16.11
N MET A 238 31.30 18.45 -14.88
CA MET A 238 32.28 19.44 -14.37
C MET A 238 33.46 19.51 -15.33
N GLU A 239 34.04 18.33 -15.67
CA GLU A 239 35.18 18.20 -16.57
C GLU A 239 34.87 18.80 -17.93
N HIS A 240 33.63 18.57 -18.45
CA HIS A 240 33.15 19.09 -19.73
C HIS A 240 33.14 20.63 -19.74
N PHE A 241 32.58 21.26 -18.70
CA PHE A 241 32.52 22.73 -18.64
C PHE A 241 33.86 23.37 -18.31
N ILE A 242 34.73 22.68 -17.55
CA ILE A 242 36.08 23.19 -17.24
C ILE A 242 36.94 23.21 -18.51
N LYS A 243 36.92 22.12 -19.30
CA LYS A 243 37.65 22.02 -20.57
C LYS A 243 37.11 23.06 -21.55
N LEU A 244 35.76 23.20 -21.63
CA LEU A 244 35.10 24.16 -22.49
C LEU A 244 35.47 25.61 -22.13
N TYR A 245 35.54 25.91 -20.81
CA TYR A 245 35.92 27.24 -20.31
C TYR A 245 37.37 27.55 -20.67
N LYS A 246 38.27 26.53 -20.62
CA LYS A 246 39.69 26.65 -20.98
C LYS A 246 39.83 26.96 -22.48
N LYS A 247 38.97 26.33 -23.32
CA LYS A 247 38.96 26.53 -24.77
C LYS A 247 38.43 27.93 -25.12
N LYS A 248 37.38 28.41 -24.43
CA LYS A 248 36.73 29.69 -24.68
C LYS A 248 37.46 30.93 -24.12
N THR A 249 38.17 30.78 -22.98
CA THR A 249 38.83 31.90 -22.29
C THR A 249 40.35 31.78 -22.10
N GLY A 250 40.87 30.54 -22.09
CA GLY A 250 42.28 30.26 -21.84
C GLY A 250 42.57 30.10 -20.36
N LYS A 251 41.53 30.26 -19.51
CA LYS A 251 41.61 30.23 -18.06
C LYS A 251 41.40 28.83 -17.47
N ASP A 252 42.16 28.52 -16.41
CA ASP A 252 42.10 27.24 -15.69
C ASP A 252 41.26 27.39 -14.44
N VAL A 253 39.97 27.04 -14.56
CA VAL A 253 38.94 27.11 -13.51
C VAL A 253 39.40 26.56 -12.15
N ARG A 254 40.09 25.39 -12.13
CA ARG A 254 40.51 24.72 -10.88
C ARG A 254 41.53 25.52 -10.02
N LYS A 255 42.05 26.67 -10.54
CA LYS A 255 42.94 27.57 -9.80
C LYS A 255 42.19 28.32 -8.67
N ASP A 256 40.83 28.25 -8.70
CA ASP A 256 39.92 28.84 -7.72
C ASP A 256 38.90 27.76 -7.29
N ASN A 257 39.09 27.17 -6.08
CA ASN A 257 38.24 26.10 -5.52
C ASN A 257 36.79 26.54 -5.30
N ARG A 258 36.59 27.83 -4.99
CA ARG A 258 35.27 28.42 -4.78
C ARG A 258 34.49 28.42 -6.10
N ALA A 259 35.16 28.78 -7.24
CA ALA A 259 34.58 28.74 -8.59
C ALA A 259 34.16 27.31 -8.93
N VAL A 260 35.00 26.32 -8.56
CA VAL A 260 34.75 24.88 -8.74
C VAL A 260 33.49 24.47 -7.95
N GLN A 261 33.41 24.87 -6.66
CA GLN A 261 32.29 24.54 -5.79
C GLN A 261 30.97 25.15 -6.29
N LYS A 262 31.03 26.40 -6.81
CA LYS A 262 29.86 27.09 -7.36
C LYS A 262 29.36 26.33 -8.59
N LEU A 263 30.31 25.91 -9.47
CA LEU A 263 29.97 25.13 -10.67
C LEU A 263 29.40 23.77 -10.27
N ARG A 264 29.99 23.12 -9.24
CA ARG A 264 29.52 21.82 -8.75
C ARG A 264 28.06 21.90 -8.30
N ARG A 265 27.71 22.94 -7.50
CA ARG A 265 26.35 23.12 -7.00
C ARG A 265 25.35 23.35 -8.16
N GLU A 266 25.73 24.16 -9.17
CA GLU A 266 24.86 24.43 -10.33
C GLU A 266 24.73 23.22 -11.27
N VAL A 267 25.81 22.42 -11.42
CA VAL A 267 25.83 21.21 -12.27
C VAL A 267 24.87 20.16 -11.71
N GLU A 268 24.84 19.99 -10.36
CA GLU A 268 23.98 19.03 -9.66
C GLU A 268 22.49 19.39 -9.84
N LYS A 269 22.20 20.70 -9.88
CA LYS A 269 20.86 21.25 -10.08
C LYS A 269 20.42 20.99 -11.54
N ALA A 270 21.32 21.26 -12.51
CA ALA A 270 21.10 21.06 -13.94
C ALA A 270 20.92 19.58 -14.32
N LYS A 271 21.73 18.69 -13.71
CA LYS A 271 21.62 17.24 -13.95
C LYS A 271 20.21 16.77 -13.60
N ARG A 272 19.69 17.21 -12.43
CA ARG A 272 18.36 16.85 -11.92
C ARG A 272 17.29 17.30 -12.88
N ALA A 273 17.47 18.50 -13.50
CA ALA A 273 16.53 19.07 -14.45
C ALA A 273 16.49 18.26 -15.74
N LEU A 274 17.65 17.70 -16.16
CA LEU A 274 17.74 16.92 -17.40
C LEU A 274 17.03 15.55 -17.33
N SER A 275 16.53 15.18 -16.16
CA SER A 275 15.79 13.92 -15.98
C SER A 275 14.34 14.13 -16.44
N SER A 276 13.90 15.41 -16.53
CA SER A 276 12.53 15.76 -16.91
C SER A 276 12.45 16.77 -18.08
N GLN A 277 13.59 17.40 -18.44
CA GLN A 277 13.66 18.31 -19.60
C GLN A 277 14.86 17.96 -20.50
N HIS A 278 14.86 18.50 -21.74
CA HIS A 278 15.91 18.15 -22.70
C HIS A 278 17.06 19.13 -22.75
N GLN A 279 16.97 20.24 -21.98
CA GLN A 279 17.99 21.29 -21.93
C GLN A 279 17.99 21.97 -20.55
N ALA A 280 19.19 22.34 -20.06
CA ALA A 280 19.34 23.01 -18.75
C ALA A 280 20.28 24.20 -18.90
N ARG A 281 20.09 25.25 -18.08
CA ARG A 281 20.90 26.47 -18.11
C ARG A 281 21.70 26.58 -16.82
N ILE A 282 23.02 26.78 -16.94
CA ILE A 282 23.91 26.97 -15.80
C ILE A 282 24.41 28.41 -15.86
N GLU A 283 24.15 29.20 -14.81
CA GLU A 283 24.54 30.60 -14.69
C GLU A 283 25.21 30.90 -13.36
N ILE A 284 26.41 31.51 -13.41
CA ILE A 284 27.20 31.89 -12.23
C ILE A 284 27.74 33.31 -12.46
N GLU A 285 27.32 34.26 -11.60
CA GLU A 285 27.81 35.64 -11.70
C GLU A 285 29.19 35.73 -11.03
N SER A 286 30.11 36.52 -11.64
CA SER A 286 31.51 36.70 -11.19
C SER A 286 32.14 35.32 -10.91
N PHE A 287 31.98 34.40 -11.89
CA PHE A 287 32.43 33.01 -11.81
C PHE A 287 33.95 32.88 -11.65
N TYR A 288 34.70 33.46 -12.60
CA TYR A 288 36.16 33.40 -12.61
C TYR A 288 36.74 34.72 -13.08
N GLU A 289 37.61 35.32 -12.24
CA GLU A 289 38.29 36.60 -12.49
C GLU A 289 37.28 37.71 -12.86
N GLY A 290 36.17 37.73 -12.13
CA GLY A 290 35.07 38.69 -12.32
C GLY A 290 34.20 38.47 -13.55
N GLU A 291 34.46 37.41 -14.33
CA GLU A 291 33.68 37.11 -15.52
C GLU A 291 32.55 36.13 -15.21
N ASP A 292 31.37 36.37 -15.80
CA ASP A 292 30.20 35.52 -15.58
C ASP A 292 30.24 34.27 -16.45
N PHE A 293 29.63 33.19 -15.93
CA PHE A 293 29.51 31.90 -16.62
C PHE A 293 28.06 31.74 -17.03
N SER A 294 27.83 31.42 -18.31
CA SER A 294 26.52 31.15 -18.86
C SER A 294 26.66 30.10 -19.95
N GLU A 295 26.18 28.87 -19.67
CA GLU A 295 26.27 27.77 -20.63
C GLU A 295 25.01 26.91 -20.57
N THR A 296 24.78 26.12 -21.62
CA THR A 296 23.67 25.18 -21.69
C THR A 296 24.17 23.74 -21.82
N LEU A 297 23.37 22.81 -21.32
CA LEU A 297 23.67 21.38 -21.40
C LEU A 297 22.41 20.67 -21.89
N THR A 298 22.55 19.87 -22.96
CA THR A 298 21.44 19.10 -23.50
C THR A 298 21.41 17.74 -22.80
N ARG A 299 20.26 17.03 -22.89
CA ARG A 299 20.13 15.68 -22.33
C ARG A 299 21.08 14.76 -23.10
N ALA A 300 21.12 14.90 -24.44
CA ALA A 300 21.99 14.15 -25.36
C ALA A 300 23.48 14.23 -24.97
N LYS A 301 23.99 15.47 -24.69
CA LYS A 301 25.38 15.67 -24.27
C LYS A 301 25.64 15.04 -22.90
N PHE A 302 24.70 15.26 -21.95
CA PHE A 302 24.79 14.68 -20.60
C PHE A 302 24.93 13.16 -20.71
N GLU A 303 24.11 12.52 -21.58
CA GLU A 303 24.11 11.09 -21.83
C GLU A 303 25.43 10.66 -22.46
N GLU A 304 25.90 11.38 -23.50
CA GLU A 304 27.17 11.11 -24.19
C GLU A 304 28.35 11.14 -23.19
N LEU A 305 28.38 12.16 -22.31
CA LEU A 305 29.44 12.37 -21.31
C LEU A 305 29.51 11.26 -20.26
N ASN A 306 28.39 10.57 -20.06
CA ASN A 306 28.25 9.53 -19.03
C ASN A 306 27.90 8.14 -19.53
N MET A 307 27.86 7.93 -20.87
CA MET A 307 27.43 6.67 -21.49
C MET A 307 28.14 5.43 -20.95
N ASP A 308 29.49 5.44 -20.88
CA ASP A 308 30.27 4.32 -20.34
C ASP A 308 29.87 4.00 -18.90
N LEU A 309 29.68 5.05 -18.06
CA LEU A 309 29.30 4.90 -16.65
C LEU A 309 27.91 4.28 -16.53
N PHE A 310 26.95 4.77 -17.33
CA PHE A 310 25.58 4.25 -17.36
C PHE A 310 25.57 2.77 -17.80
N ARG A 311 26.30 2.45 -18.88
CA ARG A 311 26.36 1.06 -19.39
C ARG A 311 27.06 0.10 -18.43
N SER A 312 28.01 0.62 -17.61
CA SER A 312 28.77 -0.17 -16.64
C SER A 312 27.89 -0.74 -15.50
N THR A 313 26.68 -0.17 -15.29
CA THR A 313 25.74 -0.63 -14.25
C THR A 313 25.13 -1.99 -14.59
N MET A 314 25.17 -2.40 -15.87
CA MET A 314 24.58 -3.66 -16.34
C MET A 314 25.41 -4.88 -15.92
N LYS A 315 26.75 -4.76 -15.93
CA LYS A 315 27.70 -5.84 -15.58
C LYS A 315 27.42 -6.44 -14.18
N PRO A 316 27.29 -5.65 -13.06
CA PRO A 316 26.96 -6.26 -11.76
C PRO A 316 25.59 -6.92 -11.73
N VAL A 317 24.64 -6.45 -12.57
CA VAL A 317 23.28 -7.04 -12.66
C VAL A 317 23.42 -8.44 -13.25
N GLN A 318 24.24 -8.60 -14.31
CA GLN A 318 24.47 -9.91 -14.93
C GLN A 318 25.22 -10.84 -13.94
N LYS A 319 26.19 -10.31 -13.16
CA LYS A 319 26.93 -11.06 -12.15
C LYS A 319 26.02 -11.58 -11.03
N VAL A 320 25.09 -10.73 -10.50
CA VAL A 320 24.17 -11.19 -9.43
C VAL A 320 23.26 -12.31 -9.94
N LEU A 321 22.80 -12.22 -11.22
CA LEU A 321 21.94 -13.23 -11.84
C LEU A 321 22.65 -14.58 -11.90
N GLU A 322 23.95 -14.58 -12.27
CA GLU A 322 24.79 -15.78 -12.35
C GLU A 322 25.05 -16.37 -10.95
N ASP A 323 25.40 -15.51 -9.96
CA ASP A 323 25.66 -15.92 -8.59
C ASP A 323 24.40 -16.42 -7.84
N SER A 324 23.20 -16.05 -8.33
CA SER A 324 21.92 -16.50 -7.76
C SER A 324 21.34 -17.66 -8.60
N ASP A 325 22.09 -18.10 -9.63
CA ASP A 325 21.71 -19.18 -10.56
C ASP A 325 20.34 -18.89 -11.25
N LEU A 326 20.10 -17.61 -11.58
CA LEU A 326 18.87 -17.13 -12.19
C LEU A 326 19.11 -16.58 -13.59
N LYS A 327 18.05 -16.57 -14.41
CA LYS A 327 18.05 -15.98 -15.74
C LYS A 327 17.25 -14.67 -15.61
N LYS A 328 17.27 -13.81 -16.66
CA LYS A 328 16.54 -12.53 -16.71
C LYS A 328 15.04 -12.70 -16.43
N SER A 329 14.41 -13.70 -17.08
CA SER A 329 12.99 -14.05 -16.97
C SER A 329 12.55 -14.52 -15.58
N ASP A 330 13.52 -14.90 -14.72
CA ASP A 330 13.24 -15.32 -13.33
C ASP A 330 12.95 -14.15 -12.40
N ILE A 331 13.24 -12.92 -12.85
CA ILE A 331 13.02 -11.72 -12.03
C ILE A 331 11.55 -11.30 -12.09
N ASP A 332 10.90 -11.35 -10.93
CA ASP A 332 9.48 -11.03 -10.78
C ASP A 332 9.22 -9.54 -10.52
N GLU A 333 10.16 -8.87 -9.84
CA GLU A 333 10.07 -7.45 -9.45
C GLU A 333 11.41 -6.77 -9.60
N ILE A 334 11.39 -5.55 -10.16
CA ILE A 334 12.59 -4.71 -10.30
C ILE A 334 12.31 -3.46 -9.47
N VAL A 335 13.15 -3.22 -8.46
CA VAL A 335 13.00 -2.07 -7.58
C VAL A 335 14.14 -1.12 -7.82
N LEU A 336 13.81 0.11 -8.22
CA LEU A 336 14.81 1.15 -8.45
C LEU A 336 14.97 2.02 -7.19
N VAL A 337 16.21 2.22 -6.78
CA VAL A 337 16.54 2.99 -5.57
C VAL A 337 17.60 4.02 -5.92
N GLY A 338 17.48 5.21 -5.33
CA GLY A 338 18.42 6.32 -5.55
C GLY A 338 17.93 7.30 -6.59
N GLY A 339 18.12 8.60 -6.32
CA GLY A 339 17.73 9.67 -7.23
C GLY A 339 18.27 9.53 -8.63
N SER A 340 19.48 8.94 -8.77
CA SER A 340 20.10 8.71 -10.06
C SER A 340 19.27 7.78 -10.96
N THR A 341 18.39 6.93 -10.37
CA THR A 341 17.57 6.03 -11.20
C THR A 341 16.45 6.79 -11.96
N ARG A 342 16.29 8.08 -11.65
CA ARG A 342 15.36 8.99 -12.33
C ARG A 342 15.91 9.38 -13.69
N ILE A 343 17.24 9.24 -13.91
CA ILE A 343 17.86 9.56 -15.21
C ILE A 343 17.18 8.70 -16.30
N PRO A 344 16.53 9.32 -17.33
CA PRO A 344 15.82 8.54 -18.36
C PRO A 344 16.63 7.42 -19.01
N LYS A 345 17.90 7.67 -19.35
CA LYS A 345 18.80 6.67 -19.95
C LYS A 345 19.01 5.46 -19.02
N ILE A 346 19.17 5.69 -17.71
CA ILE A 346 19.32 4.60 -16.72
C ILE A 346 18.03 3.74 -16.73
N GLN A 347 16.85 4.41 -16.70
CA GLN A 347 15.55 3.71 -16.73
C GLN A 347 15.39 2.87 -18.01
N GLN A 348 15.82 3.42 -19.15
CA GLN A 348 15.81 2.76 -20.45
C GLN A 348 16.72 1.51 -20.45
N LEU A 349 17.99 1.67 -19.98
CA LEU A 349 18.97 0.58 -19.89
C LEU A 349 18.47 -0.59 -19.06
N VAL A 350 17.92 -0.32 -17.86
CA VAL A 350 17.40 -1.36 -16.96
C VAL A 350 16.22 -2.10 -17.64
N LYS A 351 15.23 -1.35 -18.16
CA LYS A 351 14.05 -1.88 -18.84
C LYS A 351 14.47 -2.75 -20.04
N GLU A 352 15.45 -2.27 -20.84
CA GLU A 352 15.97 -3.01 -22.00
C GLU A 352 16.69 -4.27 -21.58
N PHE A 353 17.46 -4.23 -20.47
CA PHE A 353 18.18 -5.39 -19.94
C PHE A 353 17.16 -6.48 -19.61
N PHE A 354 16.01 -6.09 -19.03
CA PHE A 354 14.95 -7.02 -18.63
C PHE A 354 13.85 -7.19 -19.71
N ASN A 355 14.24 -7.14 -21.00
CA ASN A 355 13.37 -7.35 -22.16
C ASN A 355 12.03 -6.58 -22.14
N GLY A 356 12.07 -5.32 -21.71
CA GLY A 356 10.89 -4.45 -21.65
C GLY A 356 10.09 -4.51 -20.37
N LYS A 357 10.52 -5.30 -19.36
CA LYS A 357 9.82 -5.39 -18.08
C LYS A 357 9.87 -4.05 -17.33
N GLU A 358 8.69 -3.57 -16.91
CA GLU A 358 8.51 -2.31 -16.20
C GLU A 358 8.87 -2.46 -14.71
N PRO A 359 9.71 -1.57 -14.15
CA PRO A 359 10.03 -1.68 -12.72
C PRO A 359 8.89 -1.20 -11.84
N SER A 360 9.00 -1.42 -10.53
CA SER A 360 8.06 -0.89 -9.53
C SER A 360 8.11 0.66 -9.64
N ARG A 361 6.97 1.34 -9.42
CA ARG A 361 6.89 2.80 -9.54
C ARG A 361 5.88 3.38 -8.54
N GLY A 362 6.10 4.64 -8.17
CA GLY A 362 5.16 5.33 -7.30
C GLY A 362 5.76 5.97 -6.07
N ILE A 363 6.98 5.53 -5.70
CA ILE A 363 7.70 6.06 -4.55
C ILE A 363 8.98 6.73 -5.04
N ASN A 364 9.26 7.99 -4.62
CA ASN A 364 10.48 8.70 -5.03
C ASN A 364 11.64 7.74 -4.68
N PRO A 365 12.49 7.36 -5.67
CA PRO A 365 13.56 6.38 -5.39
C PRO A 365 14.59 6.84 -4.36
N ASP A 366 14.71 8.16 -4.11
CA ASP A 366 15.64 8.66 -3.08
C ASP A 366 15.03 8.48 -1.69
N GLU A 367 13.72 8.24 -1.61
CA GLU A 367 13.03 8.10 -0.31
C GLU A 367 12.54 6.69 0.00
N ALA A 368 12.59 5.76 -0.98
CA ALA A 368 12.06 4.41 -0.81
C ALA A 368 12.64 3.64 0.37
N VAL A 369 13.96 3.76 0.63
CA VAL A 369 14.57 3.03 1.75
C VAL A 369 14.07 3.55 3.10
N ALA A 370 14.04 4.91 3.25
CA ALA A 370 13.49 5.50 4.49
C ALA A 370 11.98 5.15 4.62
N TYR A 371 11.25 5.15 3.49
CA TYR A 371 9.80 4.81 3.45
C TYR A 371 9.62 3.39 4.04
N GLY A 372 10.42 2.42 3.58
CA GLY A 372 10.33 1.06 4.09
C GLY A 372 10.68 0.97 5.58
N ALA A 373 11.74 1.67 5.99
CA ALA A 373 12.14 1.74 7.40
C ALA A 373 10.95 2.34 8.25
N ALA A 374 10.24 3.37 7.71
CA ALA A 374 9.10 4.01 8.38
C ALA A 374 7.90 3.07 8.47
N VAL A 375 7.69 2.19 7.44
CA VAL A 375 6.62 1.18 7.43
C VAL A 375 6.85 0.25 8.65
N GLN A 376 8.10 -0.19 8.84
CA GLN A 376 8.48 -1.08 9.94
C GLN A 376 8.39 -0.35 11.29
N ALA A 377 8.83 0.90 11.32
CA ALA A 377 8.77 1.77 12.51
C ALA A 377 7.30 1.94 13.00
N GLY A 378 6.36 2.09 12.04
CA GLY A 378 4.93 2.23 12.28
C GLY A 378 4.30 1.08 13.03
N VAL A 379 4.74 -0.15 12.71
CA VAL A 379 4.26 -1.36 13.40
C VAL A 379 4.84 -1.38 14.82
N LEU A 380 6.10 -0.97 14.99
CA LEU A 380 6.79 -0.95 16.31
C LEU A 380 6.28 0.10 17.26
N SER A 381 5.72 1.20 16.71
CA SER A 381 5.16 2.30 17.49
C SER A 381 3.83 1.87 18.12
N GLY A 382 3.12 0.95 17.45
CA GLY A 382 1.83 0.43 17.88
C GLY A 382 0.70 1.44 17.70
N ASP B 1 -14.32 11.55 23.77
CA ASP B 1 -13.35 10.66 23.14
C ASP B 1 -14.03 9.50 22.43
N VAL B 2 -13.50 9.15 21.26
CA VAL B 2 -14.04 8.13 20.36
C VAL B 2 -13.54 6.69 20.63
N GLY B 3 -12.43 6.54 21.36
CA GLY B 3 -11.85 5.24 21.66
C GLY B 3 -11.31 4.59 20.40
N THR B 4 -11.57 3.30 20.22
CA THR B 4 -11.15 2.64 18.98
C THR B 4 -12.35 2.65 18.04
N VAL B 5 -12.26 3.45 16.98
CA VAL B 5 -13.33 3.55 16.02
C VAL B 5 -13.33 2.28 15.12
N VAL B 6 -14.51 1.75 14.81
CA VAL B 6 -14.57 0.58 13.93
C VAL B 6 -15.00 0.99 12.50
N GLY B 7 -14.57 0.22 11.50
CA GLY B 7 -14.99 0.43 10.11
C GLY B 7 -15.95 -0.69 9.77
N ILE B 8 -17.17 -0.35 9.35
CA ILE B 8 -18.18 -1.37 9.08
C ILE B 8 -18.72 -1.27 7.67
N ASP B 9 -18.66 -2.38 6.95
CA ASP B 9 -19.30 -2.55 5.67
C ASP B 9 -20.65 -3.19 6.01
N LEU B 10 -21.74 -2.42 5.87
CA LEU B 10 -23.10 -2.91 6.16
C LEU B 10 -23.70 -3.32 4.80
N GLY B 11 -23.47 -4.59 4.43
CA GLY B 11 -23.91 -5.05 3.11
C GLY B 11 -25.32 -5.56 2.98
N THR B 12 -25.81 -5.66 1.72
CA THR B 12 -27.16 -6.19 1.49
C THR B 12 -27.28 -7.59 2.05
N THR B 13 -26.29 -8.45 1.77
CA THR B 13 -26.36 -9.85 2.19
C THR B 13 -25.36 -10.19 3.28
N TYR B 14 -24.16 -9.58 3.22
CA TYR B 14 -23.11 -9.84 4.23
C TYR B 14 -22.52 -8.53 4.70
N SER B 15 -22.05 -8.51 5.96
CA SER B 15 -21.41 -7.36 6.56
C SER B 15 -20.03 -7.78 7.06
N CYS B 16 -19.17 -6.80 7.23
CA CYS B 16 -17.77 -7.03 7.61
C CYS B 16 -17.31 -5.85 8.51
N VAL B 17 -16.47 -6.15 9.53
CA VAL B 17 -15.96 -5.13 10.47
C VAL B 17 -14.42 -5.22 10.57
N GLY B 18 -13.78 -4.05 10.56
CA GLY B 18 -12.34 -3.92 10.68
C GLY B 18 -11.97 -2.82 11.68
N VAL B 19 -10.73 -2.90 12.18
CA VAL B 19 -10.18 -1.89 13.09
C VAL B 19 -8.75 -1.63 12.67
N PHE B 20 -8.18 -0.51 13.09
CA PHE B 20 -6.77 -0.21 12.86
C PHE B 20 -6.08 -0.46 14.22
N LYS B 21 -5.20 -1.46 14.26
CA LYS B 21 -4.55 -1.86 15.52
C LYS B 21 -3.09 -2.20 15.27
N ASN B 22 -2.18 -1.65 16.10
CA ASN B 22 -0.73 -1.85 16.01
C ASN B 22 -0.19 -1.61 14.57
N GLY B 23 -0.55 -0.47 14.01
CA GLY B 23 -0.11 -0.03 12.70
C GLY B 23 -0.72 -0.64 11.46
N ARG B 24 -1.77 -1.49 11.58
CA ARG B 24 -2.36 -2.08 10.38
C ARG B 24 -3.85 -2.37 10.57
N VAL B 25 -4.55 -2.58 9.45
CA VAL B 25 -5.98 -2.96 9.49
C VAL B 25 -6.07 -4.42 9.88
N GLU B 26 -7.01 -4.73 10.78
CA GLU B 26 -7.34 -6.08 11.21
C GLU B 26 -8.82 -6.28 10.89
N ILE B 27 -9.15 -7.29 10.05
CA ILE B 27 -10.54 -7.64 9.76
C ILE B 27 -10.87 -8.69 10.84
N ILE B 28 -11.99 -8.46 11.54
CA ILE B 28 -12.35 -9.26 12.71
C ILE B 28 -13.31 -10.42 12.37
N ALA B 29 -12.95 -11.62 12.83
CA ALA B 29 -13.80 -12.79 12.64
C ALA B 29 -14.90 -12.78 13.72
N ASN B 30 -16.09 -13.28 13.34
CA ASN B 30 -17.19 -13.38 14.30
C ASN B 30 -17.05 -14.66 15.15
N ASP B 31 -18.06 -14.94 16.01
CA ASP B 31 -18.05 -16.06 16.95
C ASP B 31 -18.03 -17.44 16.24
N GLN B 32 -18.38 -17.46 14.94
CA GLN B 32 -18.40 -18.69 14.14
C GLN B 32 -17.12 -18.82 13.31
N GLY B 33 -16.19 -17.90 13.52
CA GLY B 33 -14.89 -17.94 12.85
C GLY B 33 -14.89 -17.34 11.46
N ASN B 34 -15.95 -16.56 11.11
CA ASN B 34 -16.10 -15.98 9.80
C ASN B 34 -15.79 -14.49 9.75
N ARG B 35 -15.01 -14.09 8.73
CA ARG B 35 -14.64 -12.68 8.56
C ARG B 35 -15.71 -11.85 7.88
N ILE B 36 -16.82 -12.51 7.46
CA ILE B 36 -18.04 -11.84 6.96
C ILE B 36 -19.20 -12.46 7.71
N THR B 37 -20.22 -11.63 7.96
CA THR B 37 -21.40 -12.01 8.72
C THR B 37 -22.67 -11.75 7.87
N PRO B 38 -23.58 -12.74 7.75
CA PRO B 38 -24.83 -12.48 7.01
C PRO B 38 -25.65 -11.37 7.64
N SER B 39 -26.18 -10.47 6.80
CA SER B 39 -27.04 -9.37 7.26
C SER B 39 -28.47 -9.92 7.46
N TYR B 40 -28.60 -10.85 8.41
CA TYR B 40 -29.81 -11.63 8.68
C TYR B 40 -30.19 -11.61 10.13
N VAL B 41 -31.52 -11.66 10.39
CA VAL B 41 -32.07 -11.73 11.74
C VAL B 41 -33.16 -12.80 11.71
N ALA B 42 -33.28 -13.59 12.77
CA ALA B 42 -34.36 -14.57 12.90
C ALA B 42 -34.74 -14.64 14.38
N PHE B 43 -35.92 -15.17 14.66
CA PHE B 43 -36.43 -15.29 16.01
C PHE B 43 -36.82 -16.73 16.27
N THR B 44 -36.24 -17.37 17.31
CA THR B 44 -36.53 -18.77 17.69
C THR B 44 -37.96 -18.86 18.31
N PRO B 45 -38.57 -20.07 18.43
CA PRO B 45 -39.91 -20.16 19.05
C PRO B 45 -39.93 -19.60 20.49
N GLU B 46 -38.81 -19.84 21.23
CA GLU B 46 -38.61 -19.39 22.61
C GLU B 46 -38.43 -17.88 22.73
N GLY B 47 -38.31 -17.20 21.59
CA GLY B 47 -38.13 -15.76 21.59
C GLY B 47 -36.70 -15.29 21.55
N GLU B 48 -35.73 -16.18 21.23
CA GLU B 48 -34.33 -15.76 21.12
C GLU B 48 -34.15 -15.03 19.78
N ARG B 49 -33.46 -13.88 19.82
CA ARG B 49 -33.13 -13.11 18.62
C ARG B 49 -31.77 -13.58 18.12
N LEU B 50 -31.76 -14.18 16.91
CA LEU B 50 -30.54 -14.69 16.26
C LEU B 50 -30.09 -13.63 15.22
N ILE B 51 -28.78 -13.37 15.12
CA ILE B 51 -28.23 -12.40 14.15
C ILE B 51 -27.02 -13.04 13.48
N GLY B 52 -26.94 -12.87 12.16
CA GLY B 52 -25.82 -13.35 11.35
C GLY B 52 -25.90 -14.82 10.97
N ASP B 53 -24.78 -15.54 11.10
CA ASP B 53 -24.72 -16.96 10.70
C ASP B 53 -25.82 -17.81 11.36
N ALA B 54 -26.09 -17.62 12.68
CA ALA B 54 -27.14 -18.41 13.38
C ALA B 54 -28.53 -18.15 12.80
N ALA B 55 -28.80 -16.92 12.34
CA ALA B 55 -30.06 -16.55 11.70
C ALA B 55 -30.16 -17.17 10.31
N LYS B 56 -29.12 -17.04 9.48
CA LYS B 56 -29.13 -17.57 8.12
C LYS B 56 -29.17 -19.09 8.10
N ASN B 57 -28.48 -19.73 9.03
CA ASN B 57 -28.36 -21.20 9.06
C ASN B 57 -29.38 -21.92 9.95
N GLN B 58 -30.30 -21.19 10.63
CA GLN B 58 -31.34 -21.82 11.45
C GLN B 58 -32.31 -22.51 10.52
N LEU B 59 -32.42 -23.86 10.60
CA LEU B 59 -33.36 -24.62 9.78
C LEU B 59 -34.79 -24.32 10.26
N THR B 60 -35.65 -23.92 9.33
CA THR B 60 -37.02 -23.51 9.65
C THR B 60 -38.03 -23.88 8.58
N SER B 61 -39.28 -24.08 8.99
CA SER B 61 -40.36 -24.32 8.06
C SER B 61 -41.14 -23.01 7.92
N ASN B 62 -40.65 -21.95 8.60
CA ASN B 62 -41.25 -20.62 8.62
C ASN B 62 -40.33 -19.52 8.07
N PRO B 63 -40.13 -19.43 6.74
CA PRO B 63 -39.30 -18.32 6.20
C PRO B 63 -39.86 -16.91 6.45
N GLU B 64 -41.15 -16.79 6.85
CA GLU B 64 -41.77 -15.48 7.07
C GLU B 64 -41.26 -14.76 8.33
N ASN B 65 -40.60 -15.46 9.26
CA ASN B 65 -40.07 -14.84 10.49
C ASN B 65 -38.54 -14.59 10.47
N THR B 66 -37.91 -14.69 9.29
CA THR B 66 -36.48 -14.43 9.11
C THR B 66 -36.45 -13.17 8.32
N VAL B 67 -35.58 -12.24 8.69
CA VAL B 67 -35.53 -10.94 8.01
C VAL B 67 -34.13 -10.80 7.39
N PHE B 68 -34.09 -10.30 6.15
CA PHE B 68 -32.86 -10.08 5.41
C PHE B 68 -33.20 -9.03 4.34
N ASP B 69 -32.16 -8.55 3.62
CA ASP B 69 -32.36 -7.55 2.54
C ASP B 69 -33.00 -6.25 3.04
N ALA B 70 -32.81 -5.92 4.34
CA ALA B 70 -33.35 -4.65 4.86
C ALA B 70 -32.71 -3.46 4.18
N LYS B 71 -31.49 -3.63 3.61
CA LYS B 71 -30.79 -2.55 2.87
C LYS B 71 -31.61 -2.11 1.62
N ARG B 72 -32.49 -3.00 1.08
CA ARG B 72 -33.35 -2.67 -0.09
C ARG B 72 -34.47 -1.72 0.34
N LEU B 73 -34.76 -1.69 1.64
CA LEU B 73 -35.89 -0.91 2.15
C LEU B 73 -35.46 0.32 2.95
N ILE B 74 -34.25 0.31 3.52
CA ILE B 74 -33.79 1.41 4.37
C ILE B 74 -33.82 2.78 3.66
N GLY B 75 -34.28 3.78 4.40
CA GLY B 75 -34.38 5.16 3.91
C GLY B 75 -35.36 5.38 2.77
N ARG B 76 -36.28 4.43 2.54
CA ARG B 76 -37.27 4.56 1.47
C ARG B 76 -38.70 4.64 2.07
N THR B 77 -39.61 5.25 1.33
CA THR B 77 -41.02 5.29 1.76
C THR B 77 -41.71 4.00 1.32
N TRP B 78 -42.80 3.64 2.00
CA TRP B 78 -43.60 2.47 1.66
C TRP B 78 -44.04 2.47 0.18
N ASN B 79 -44.51 3.63 -0.33
CA ASN B 79 -45.05 3.70 -1.69
C ASN B 79 -43.96 3.90 -2.77
N ASP B 80 -42.67 3.88 -2.39
CA ASP B 80 -41.57 3.99 -3.36
C ASP B 80 -41.74 2.79 -4.35
N PRO B 81 -41.76 3.00 -5.70
CA PRO B 81 -41.96 1.86 -6.64
C PRO B 81 -40.96 0.71 -6.45
N SER B 82 -39.70 1.05 -6.06
CA SER B 82 -38.66 0.05 -5.78
C SER B 82 -39.11 -0.88 -4.63
N VAL B 83 -39.67 -0.30 -3.56
CA VAL B 83 -40.17 -1.02 -2.38
C VAL B 83 -41.34 -1.92 -2.78
N GLN B 84 -42.30 -1.36 -3.55
CA GLN B 84 -43.49 -2.09 -3.99
C GLN B 84 -43.13 -3.30 -4.85
N GLN B 85 -42.05 -3.20 -5.64
CA GLN B 85 -41.56 -4.33 -6.42
C GLN B 85 -40.84 -5.33 -5.52
N ASP B 86 -39.92 -4.85 -4.65
CA ASP B 86 -39.15 -5.73 -3.77
C ASP B 86 -39.96 -6.57 -2.82
N ILE B 87 -41.03 -6.02 -2.24
CA ILE B 87 -41.86 -6.76 -1.27
C ILE B 87 -42.54 -7.99 -1.93
N LYS B 88 -42.68 -8.01 -3.28
CA LYS B 88 -43.26 -9.16 -4.00
C LYS B 88 -42.35 -10.42 -3.86
N PHE B 89 -41.04 -10.22 -3.75
CA PHE B 89 -40.05 -11.31 -3.65
C PHE B 89 -39.55 -11.58 -2.23
N LEU B 90 -40.03 -10.82 -1.22
CA LEU B 90 -39.61 -10.98 0.17
C LEU B 90 -40.59 -11.84 0.94
N PRO B 91 -40.10 -12.88 1.64
CA PRO B 91 -41.02 -13.83 2.30
C PRO B 91 -41.67 -13.35 3.58
N PHE B 92 -41.07 -12.33 4.23
CA PHE B 92 -41.61 -11.76 5.47
C PHE B 92 -42.57 -10.64 5.10
N LYS B 93 -43.51 -10.32 6.00
CA LYS B 93 -44.52 -9.28 5.80
C LYS B 93 -43.89 -7.90 5.91
N VAL B 94 -44.31 -7.01 5.02
CA VAL B 94 -43.91 -5.60 5.00
C VAL B 94 -45.20 -4.82 5.03
N VAL B 95 -45.31 -3.90 5.99
CA VAL B 95 -46.52 -3.09 6.19
C VAL B 95 -46.22 -1.61 6.18
N GLU B 96 -47.22 -0.80 5.78
CA GLU B 96 -47.04 0.65 5.78
C GLU B 96 -47.23 1.18 7.20
N LYS B 97 -46.21 1.89 7.72
CA LYS B 97 -46.29 2.51 9.05
C LYS B 97 -45.42 3.76 9.03
N LYS B 98 -45.98 4.89 9.51
CA LYS B 98 -45.27 6.17 9.55
C LYS B 98 -44.60 6.48 8.20
N THR B 99 -45.35 6.22 7.10
CA THR B 99 -44.97 6.42 5.67
C THR B 99 -43.93 5.44 5.15
N LYS B 100 -43.43 4.57 6.02
CA LYS B 100 -42.31 3.67 5.72
C LYS B 100 -42.68 2.19 5.61
N PRO B 101 -41.83 1.39 4.93
CA PRO B 101 -42.08 -0.06 4.88
C PRO B 101 -41.50 -0.74 6.13
N TYR B 102 -42.36 -0.99 7.12
CA TYR B 102 -41.93 -1.66 8.34
C TYR B 102 -42.05 -3.18 8.15
N ILE B 103 -41.18 -3.93 8.79
CA ILE B 103 -41.15 -5.39 8.72
C ILE B 103 -41.95 -5.95 9.88
N GLN B 104 -42.88 -6.87 9.61
CA GLN B 104 -43.71 -7.44 10.65
C GLN B 104 -43.39 -8.93 10.77
N VAL B 105 -43.00 -9.36 11.96
CA VAL B 105 -42.67 -10.77 12.26
C VAL B 105 -43.22 -11.20 13.60
N ASP B 106 -43.26 -12.51 13.85
CA ASP B 106 -43.69 -13.09 15.12
C ASP B 106 -42.36 -13.41 15.89
N ILE B 107 -42.08 -12.70 17.02
CA ILE B 107 -40.82 -12.76 17.80
C ILE B 107 -40.74 -13.93 18.82
N GLY B 108 -41.78 -14.77 18.84
CA GLY B 108 -41.89 -15.91 19.75
C GLY B 108 -43.23 -15.92 20.44
N GLY B 109 -43.83 -17.10 20.54
CA GLY B 109 -45.11 -17.33 21.21
C GLY B 109 -46.31 -16.59 20.67
N GLY B 110 -46.29 -16.23 19.37
CA GLY B 110 -47.38 -15.51 18.72
C GLY B 110 -47.32 -14.00 18.87
N GLN B 111 -46.26 -13.50 19.51
CA GLN B 111 -46.06 -12.06 19.71
C GLN B 111 -45.59 -11.43 18.42
N THR B 112 -46.45 -10.61 17.81
CA THR B 112 -46.17 -9.90 16.56
C THR B 112 -45.45 -8.59 16.90
N LYS B 113 -44.37 -8.29 16.16
CA LYS B 113 -43.63 -7.03 16.35
C LYS B 113 -43.37 -6.43 15.00
N THR B 114 -43.32 -5.10 14.95
CA THR B 114 -43.10 -4.38 13.70
C THR B 114 -41.79 -3.59 13.87
N PHE B 115 -40.90 -3.68 12.87
CA PHE B 115 -39.60 -3.01 12.94
C PHE B 115 -39.36 -2.14 11.75
N ALA B 116 -38.81 -0.93 11.94
CA ALA B 116 -38.43 -0.09 10.82
C ALA B 116 -37.19 -0.76 10.16
N PRO B 117 -36.95 -0.54 8.84
CA PRO B 117 -35.73 -1.14 8.23
C PRO B 117 -34.46 -0.80 9.02
N GLU B 118 -34.34 0.45 9.50
CA GLU B 118 -33.15 0.86 10.27
C GLU B 118 -33.05 0.11 11.62
N GLU B 119 -34.18 -0.37 12.18
CA GLU B 119 -34.14 -1.19 13.42
C GLU B 119 -33.56 -2.57 13.09
N ILE B 120 -33.89 -3.10 11.89
CA ILE B 120 -33.30 -4.39 11.45
C ILE B 120 -31.81 -4.20 11.21
N SER B 121 -31.43 -3.13 10.49
CA SER B 121 -30.00 -2.87 10.23
C SER B 121 -29.25 -2.58 11.54
N ALA B 122 -29.97 -2.00 12.54
CA ALA B 122 -29.37 -1.78 13.87
C ALA B 122 -29.00 -3.11 14.53
N MET B 123 -29.80 -4.16 14.35
CA MET B 123 -29.53 -5.50 14.91
C MET B 123 -28.25 -6.04 14.30
N VAL B 124 -28.10 -5.86 12.95
CA VAL B 124 -26.90 -6.29 12.22
C VAL B 124 -25.68 -5.51 12.73
N LEU B 125 -25.83 -4.20 12.89
CA LEU B 125 -24.73 -3.37 13.41
C LEU B 125 -24.35 -3.75 14.84
N THR B 126 -25.34 -4.09 15.70
CA THR B 126 -25.12 -4.54 17.08
C THR B 126 -24.24 -5.79 17.01
N LYS B 127 -24.57 -6.74 16.12
CA LYS B 127 -23.76 -7.97 15.97
C LYS B 127 -22.32 -7.59 15.53
N MET B 128 -22.17 -6.64 14.63
CA MET B 128 -20.81 -6.25 14.17
C MET B 128 -20.03 -5.58 15.31
N LYS B 129 -20.74 -4.74 16.10
CA LYS B 129 -20.21 -4.03 17.27
C LYS B 129 -19.73 -5.08 18.30
N GLU B 130 -20.56 -6.10 18.60
CA GLU B 130 -20.21 -7.19 19.53
C GLU B 130 -19.00 -8.01 19.04
N THR B 131 -18.91 -8.25 17.73
CA THR B 131 -17.79 -8.95 17.10
C THR B 131 -16.48 -8.16 17.37
N ALA B 132 -16.52 -6.83 17.16
CA ALA B 132 -15.35 -5.97 17.40
C ALA B 132 -15.02 -5.88 18.89
N GLU B 133 -16.04 -5.78 19.76
CA GLU B 133 -15.83 -5.70 21.21
C GLU B 133 -15.17 -6.94 21.79
N ALA B 134 -15.56 -8.13 21.28
CA ALA B 134 -14.96 -9.40 21.72
C ALA B 134 -13.47 -9.42 21.35
N TYR B 135 -13.13 -8.89 20.16
CA TYR B 135 -11.75 -8.82 19.68
C TYR B 135 -10.88 -7.81 20.49
N LEU B 136 -11.41 -6.59 20.69
CA LEU B 136 -10.71 -5.49 21.36
C LEU B 136 -10.68 -5.62 22.88
N GLY B 137 -11.60 -6.41 23.43
CA GLY B 137 -11.72 -6.61 24.87
C GLY B 137 -12.21 -5.38 25.61
N LYS B 138 -12.92 -4.49 24.90
CA LYS B 138 -13.44 -3.24 25.45
C LYS B 138 -14.64 -2.77 24.61
N LYS B 139 -15.40 -1.81 25.12
CA LYS B 139 -16.57 -1.29 24.43
C LYS B 139 -16.19 -0.42 23.23
N VAL B 140 -17.07 -0.44 22.21
CA VAL B 140 -16.97 0.35 20.98
C VAL B 140 -18.14 1.33 20.98
N THR B 141 -17.88 2.59 20.68
CA THR B 141 -18.94 3.63 20.70
C THR B 141 -19.05 4.38 19.38
N HIS B 142 -17.99 4.33 18.55
CA HIS B 142 -17.93 5.11 17.32
C HIS B 142 -17.60 4.26 16.12
N ALA B 143 -18.12 4.67 14.98
CA ALA B 143 -17.89 3.92 13.73
C ALA B 143 -17.86 4.79 12.49
N VAL B 144 -17.20 4.23 11.46
CA VAL B 144 -17.24 4.73 10.07
C VAL B 144 -18.08 3.62 9.37
N VAL B 145 -19.18 4.01 8.71
CA VAL B 145 -20.05 3.05 8.02
C VAL B 145 -20.12 3.37 6.55
N THR B 146 -20.05 2.32 5.70
CA THR B 146 -20.11 2.53 4.26
C THR B 146 -21.52 2.37 3.72
N VAL B 147 -21.77 3.02 2.56
CA VAL B 147 -23.05 2.91 1.87
C VAL B 147 -22.77 2.89 0.37
N PRO B 148 -23.72 2.43 -0.46
CA PRO B 148 -23.54 2.48 -1.92
C PRO B 148 -23.46 3.93 -2.37
N ALA B 149 -22.66 4.20 -3.41
CA ALA B 149 -22.48 5.58 -3.89
C ALA B 149 -23.79 6.25 -4.34
N TYR B 150 -24.76 5.45 -4.79
CA TYR B 150 -26.04 5.96 -5.27
C TYR B 150 -27.03 6.27 -4.12
N PHE B 151 -26.69 5.93 -2.88
CA PHE B 151 -27.56 6.19 -1.70
C PHE B 151 -27.84 7.69 -1.63
N ASN B 152 -29.12 8.02 -1.44
CA ASN B 152 -29.54 9.42 -1.39
C ASN B 152 -29.55 9.91 0.07
N ASP B 153 -30.02 11.16 0.32
CA ASP B 153 -30.03 11.70 1.68
C ASP B 153 -30.79 10.86 2.71
N ALA B 154 -32.02 10.42 2.38
CA ALA B 154 -32.81 9.64 3.35
C ALA B 154 -32.11 8.31 3.68
N GLN B 155 -31.53 7.67 2.67
CA GLN B 155 -30.81 6.39 2.84
C GLN B 155 -29.56 6.53 3.71
N ARG B 156 -28.78 7.62 3.51
CA ARG B 156 -27.59 7.87 4.34
C ARG B 156 -28.03 8.18 5.77
N GLN B 157 -29.07 9.01 5.94
CA GLN B 157 -29.55 9.36 7.29
C GLN B 157 -30.10 8.11 8.02
N ALA B 158 -30.89 7.28 7.31
CA ALA B 158 -31.46 6.08 7.91
C ALA B 158 -30.34 5.10 8.34
N THR B 159 -29.21 5.09 7.60
CA THR B 159 -28.06 4.26 7.95
C THR B 159 -27.40 4.79 9.24
N LYS B 160 -27.26 6.14 9.35
CA LYS B 160 -26.75 6.75 10.58
C LYS B 160 -27.68 6.43 11.73
N ASP B 161 -29.00 6.46 11.48
CA ASP B 161 -30.01 6.18 12.51
C ASP B 161 -29.92 4.73 12.97
N ALA B 162 -29.65 3.79 12.05
CA ALA B 162 -29.44 2.37 12.44
C ALA B 162 -28.26 2.28 13.42
N GLY B 163 -27.20 3.05 13.16
CA GLY B 163 -26.04 3.12 14.04
C GLY B 163 -26.41 3.63 15.41
N THR B 164 -27.21 4.71 15.47
CA THR B 164 -27.64 5.30 16.74
C THR B 164 -28.40 4.27 17.60
N ILE B 165 -29.35 3.55 16.96
CA ILE B 165 -30.15 2.50 17.64
C ILE B 165 -29.22 1.42 18.23
N ALA B 166 -28.15 1.09 17.49
CA ALA B 166 -27.15 0.10 17.88
C ALA B 166 -26.12 0.59 18.94
N GLY B 167 -26.21 1.87 19.34
CA GLY B 167 -25.27 2.44 20.30
C GLY B 167 -23.96 2.87 19.67
N LEU B 168 -23.99 3.14 18.35
CA LEU B 168 -22.82 3.59 17.59
C LEU B 168 -23.02 5.00 17.07
N ASN B 169 -22.04 5.86 17.35
CA ASN B 169 -22.02 7.20 16.78
C ASN B 169 -21.31 7.04 15.42
N VAL B 170 -22.10 7.10 14.36
CA VAL B 170 -21.59 6.96 13.00
C VAL B 170 -20.99 8.31 12.62
N MET B 171 -19.68 8.44 12.83
CA MET B 171 -18.86 9.66 12.63
C MET B 171 -18.80 10.11 11.20
N ARG B 172 -18.75 9.12 10.29
CA ARG B 172 -18.63 9.33 8.87
C ARG B 172 -19.40 8.24 8.13
N ILE B 173 -20.16 8.66 7.11
CA ILE B 173 -20.81 7.77 6.14
C ILE B 173 -19.93 7.94 4.89
N ILE B 174 -19.33 6.86 4.39
CA ILE B 174 -18.47 6.95 3.20
C ILE B 174 -18.97 6.01 2.11
N ASN B 175 -18.67 6.32 0.84
CA ASN B 175 -19.14 5.50 -0.27
C ASN B 175 -18.34 4.20 -0.35
N GLU B 176 -19.06 3.09 -0.55
CA GLU B 176 -18.44 1.76 -0.70
C GLU B 176 -17.32 1.70 -1.76
N PRO B 177 -17.52 2.15 -3.05
CA PRO B 177 -16.40 2.09 -4.01
C PRO B 177 -15.17 2.89 -3.57
N THR B 178 -15.38 4.05 -2.91
CA THR B 178 -14.28 4.90 -2.43
C THR B 178 -13.47 4.16 -1.36
N ALA B 179 -14.19 3.54 -0.39
CA ALA B 179 -13.60 2.75 0.70
C ALA B 179 -12.75 1.63 0.05
N ALA B 180 -13.25 0.97 -0.99
CA ALA B 180 -12.48 -0.09 -1.68
C ALA B 180 -11.22 0.48 -2.34
N ALA B 181 -11.33 1.67 -2.97
CA ALA B 181 -10.19 2.31 -3.63
C ALA B 181 -9.11 2.70 -2.58
N ILE B 182 -9.53 3.18 -1.39
CA ILE B 182 -8.66 3.51 -0.26
C ILE B 182 -7.96 2.24 0.27
N ALA B 183 -8.72 1.10 0.37
CA ALA B 183 -8.15 -0.18 0.80
C ALA B 183 -6.95 -0.57 -0.08
N TYR B 184 -7.07 -0.36 -1.42
CA TYR B 184 -6.01 -0.64 -2.38
C TYR B 184 -4.91 0.42 -2.47
N GLY B 185 -4.99 1.43 -1.60
CA GLY B 185 -4.03 2.53 -1.51
C GLY B 185 -4.01 3.39 -2.75
N LEU B 186 -5.17 3.54 -3.41
CA LEU B 186 -5.27 4.29 -4.65
C LEU B 186 -5.28 5.79 -4.44
N ASP B 187 -5.51 6.24 -3.19
CA ASP B 187 -5.49 7.67 -2.84
C ASP B 187 -4.04 8.19 -2.73
N LYS B 188 -3.06 7.27 -2.64
CA LYS B 188 -1.65 7.62 -2.47
C LYS B 188 -0.90 7.74 -3.80
N ARG B 189 -1.65 7.93 -4.92
CA ARG B 189 -1.06 8.04 -6.26
C ARG B 189 -1.12 9.45 -6.83
N GLU B 190 -0.03 9.85 -7.52
CA GLU B 190 0.11 11.19 -8.11
C GLU B 190 -0.63 11.35 -9.44
N GLY B 191 -1.16 12.55 -9.67
CA GLY B 191 -1.89 12.89 -10.90
C GLY B 191 -3.32 12.43 -10.91
N GLU B 192 -4.01 12.61 -12.05
CA GLU B 192 -5.41 12.21 -12.17
C GLU B 192 -5.55 10.81 -12.75
N LYS B 193 -6.31 9.97 -12.05
CA LYS B 193 -6.52 8.59 -12.50
C LYS B 193 -8.01 8.28 -12.47
N ASN B 194 -8.45 7.44 -13.42
CA ASN B 194 -9.83 6.95 -13.52
C ASN B 194 -9.85 5.52 -12.97
N ILE B 195 -10.71 5.29 -11.99
CA ILE B 195 -10.85 4.01 -11.29
C ILE B 195 -12.20 3.40 -11.60
N LEU B 196 -12.19 2.13 -12.07
CA LEU B 196 -13.44 1.42 -12.31
C LEU B 196 -13.60 0.41 -11.16
N VAL B 197 -14.68 0.56 -10.39
CA VAL B 197 -14.96 -0.33 -9.27
C VAL B 197 -16.08 -1.28 -9.70
N PHE B 198 -15.76 -2.58 -9.75
CA PHE B 198 -16.66 -3.64 -10.18
C PHE B 198 -17.03 -4.43 -8.93
N ASP B 199 -18.22 -4.16 -8.39
CA ASP B 199 -18.67 -4.72 -7.12
C ASP B 199 -19.83 -5.68 -7.26
N LEU B 200 -19.52 -6.98 -7.23
CA LEU B 200 -20.51 -8.03 -7.37
C LEU B 200 -20.67 -8.66 -6.00
N GLY B 201 -21.69 -8.23 -5.26
CA GLY B 201 -21.97 -8.68 -3.91
C GLY B 201 -22.85 -9.91 -3.89
N GLY B 202 -23.41 -10.22 -2.72
CA GLY B 202 -24.30 -11.37 -2.56
C GLY B 202 -25.63 -11.23 -3.25
N GLY B 203 -26.09 -10.00 -3.41
CA GLY B 203 -27.39 -9.77 -4.01
C GLY B 203 -27.52 -8.63 -4.99
N THR B 204 -26.50 -7.76 -5.04
CA THR B 204 -26.48 -6.60 -5.90
C THR B 204 -25.17 -6.50 -6.68
N PHE B 205 -25.25 -5.84 -7.83
CA PHE B 205 -24.11 -5.61 -8.69
C PHE B 205 -23.99 -4.12 -8.90
N ASP B 206 -22.86 -3.53 -8.44
CA ASP B 206 -22.67 -2.10 -8.58
C ASP B 206 -21.40 -1.79 -9.33
N VAL B 207 -21.49 -0.97 -10.36
CA VAL B 207 -20.31 -0.50 -11.09
C VAL B 207 -20.21 1.00 -10.80
N SER B 208 -19.01 1.46 -10.39
CA SER B 208 -18.80 2.89 -10.13
C SER B 208 -17.53 3.38 -10.80
N LEU B 209 -17.62 4.55 -11.44
CA LEU B 209 -16.47 5.17 -12.07
C LEU B 209 -16.05 6.32 -11.15
N LEU B 210 -14.84 6.22 -10.60
CA LEU B 210 -14.32 7.27 -9.72
C LEU B 210 -13.11 7.93 -10.36
N THR B 211 -12.87 9.17 -9.99
CA THR B 211 -11.66 9.84 -10.38
C THR B 211 -10.92 10.15 -9.11
N ILE B 212 -9.60 10.06 -9.17
CA ILE B 212 -8.72 10.44 -8.08
C ILE B 212 -7.87 11.58 -8.62
N ASP B 213 -7.78 12.68 -7.86
CA ASP B 213 -6.99 13.83 -8.27
C ASP B 213 -6.41 14.52 -7.03
N ASN B 214 -5.07 14.48 -6.92
CA ASN B 214 -4.30 15.04 -5.80
C ASN B 214 -4.86 14.62 -4.44
N GLY B 215 -5.13 13.31 -4.30
CA GLY B 215 -5.65 12.70 -3.08
C GLY B 215 -7.15 12.78 -2.87
N VAL B 216 -7.88 13.45 -3.78
CA VAL B 216 -9.34 13.66 -3.67
C VAL B 216 -10.15 12.74 -4.61
N PHE B 217 -11.12 11.98 -4.06
CA PHE B 217 -11.98 11.09 -4.84
C PHE B 217 -13.29 11.78 -5.23
N GLU B 218 -13.80 11.47 -6.44
CA GLU B 218 -15.08 11.95 -6.96
C GLU B 218 -15.83 10.80 -7.66
N VAL B 219 -17.11 10.56 -7.28
CA VAL B 219 -17.94 9.54 -7.95
C VAL B 219 -18.51 10.22 -9.21
N VAL B 220 -18.05 9.76 -10.41
CA VAL B 220 -18.46 10.35 -11.69
C VAL B 220 -19.77 9.75 -12.22
N ALA B 221 -19.90 8.40 -12.18
CA ALA B 221 -21.09 7.71 -12.70
C ALA B 221 -21.24 6.37 -12.02
N THR B 222 -22.48 5.90 -11.92
CA THR B 222 -22.78 4.60 -11.30
C THR B 222 -23.79 3.87 -12.18
N ASN B 223 -23.72 2.53 -12.17
CA ASN B 223 -24.66 1.66 -12.87
C ASN B 223 -24.59 0.27 -12.20
N GLY B 224 -25.26 -0.70 -12.78
CA GLY B 224 -25.26 -2.07 -12.28
C GLY B 224 -26.61 -2.73 -12.43
N ASP B 225 -26.86 -3.71 -11.58
CA ASP B 225 -28.10 -4.47 -11.59
C ASP B 225 -28.42 -4.71 -10.12
N THR B 226 -29.54 -4.12 -9.66
CA THR B 226 -29.96 -4.18 -8.25
C THR B 226 -30.31 -5.57 -7.76
N HIS B 227 -30.59 -6.52 -8.67
CA HIS B 227 -30.99 -7.89 -8.35
C HIS B 227 -30.12 -8.95 -9.01
N LEU B 228 -28.81 -8.73 -8.98
CA LEU B 228 -27.83 -9.70 -9.50
C LEU B 228 -26.71 -9.83 -8.48
N GLY B 229 -26.48 -11.05 -7.99
CA GLY B 229 -25.40 -11.28 -7.04
C GLY B 229 -25.06 -12.75 -6.88
N GLY B 230 -24.14 -13.03 -5.96
CA GLY B 230 -23.69 -14.39 -5.68
C GLY B 230 -24.79 -15.37 -5.33
N GLU B 231 -25.87 -14.90 -4.68
CA GLU B 231 -27.00 -15.75 -4.30
C GLU B 231 -27.75 -16.24 -5.54
N ASP B 232 -27.74 -15.43 -6.62
CA ASP B 232 -28.38 -15.83 -7.88
C ASP B 232 -27.65 -17.00 -8.51
N PHE B 233 -26.31 -17.05 -8.36
CA PHE B 233 -25.50 -18.16 -8.88
C PHE B 233 -25.83 -19.42 -8.09
N ASP B 234 -25.98 -19.29 -6.75
CA ASP B 234 -26.39 -20.44 -5.92
C ASP B 234 -27.75 -20.95 -6.35
N GLN B 235 -28.70 -20.05 -6.64
CA GLN B 235 -30.06 -20.42 -7.06
C GLN B 235 -30.09 -21.19 -8.38
N ARG B 236 -29.23 -20.81 -9.33
CA ARG B 236 -29.16 -21.53 -10.62
C ARG B 236 -28.67 -22.95 -10.42
N VAL B 237 -27.75 -23.15 -9.46
CA VAL B 237 -27.23 -24.48 -9.11
C VAL B 237 -28.31 -25.27 -8.34
N MET B 238 -29.07 -24.58 -7.45
CA MET B 238 -30.19 -25.18 -6.69
C MET B 238 -31.20 -25.77 -7.67
N GLU B 239 -31.62 -24.96 -8.67
CA GLU B 239 -32.59 -25.35 -9.70
C GLU B 239 -32.09 -26.58 -10.45
N HIS B 240 -30.78 -26.61 -10.77
CA HIS B 240 -30.13 -27.71 -11.50
C HIS B 240 -30.23 -29.03 -10.71
N PHE B 241 -29.90 -29.00 -9.40
CA PHE B 241 -29.96 -30.22 -8.57
C PHE B 241 -31.38 -30.62 -8.19
N ILE B 242 -32.31 -29.66 -8.08
CA ILE B 242 -33.72 -29.97 -7.78
C ILE B 242 -34.37 -30.67 -8.98
N LYS B 243 -34.14 -30.15 -10.21
CA LYS B 243 -34.66 -30.78 -11.44
C LYS B 243 -34.03 -32.16 -11.62
N LEU B 244 -32.71 -32.27 -11.37
CA LEU B 244 -31.98 -33.54 -11.48
C LEU B 244 -32.51 -34.58 -10.48
N TYR B 245 -32.80 -34.15 -9.22
CA TYR B 245 -33.36 -35.02 -8.17
C TYR B 245 -34.76 -35.51 -8.57
N LYS B 246 -35.58 -34.64 -9.21
CA LYS B 246 -36.92 -34.97 -9.69
C LYS B 246 -36.84 -36.03 -10.81
N LYS B 247 -35.82 -35.90 -11.68
CA LYS B 247 -35.59 -36.84 -12.79
C LYS B 247 -35.13 -38.21 -12.26
N LYS B 248 -34.23 -38.21 -11.26
CA LYS B 248 -33.63 -39.43 -10.68
C LYS B 248 -34.52 -40.20 -9.71
N THR B 249 -35.40 -39.50 -8.95
CA THR B 249 -36.23 -40.12 -7.90
C THR B 249 -37.75 -39.95 -8.08
N GLY B 250 -38.17 -38.91 -8.80
CA GLY B 250 -39.57 -38.58 -8.99
C GLY B 250 -40.10 -37.68 -7.88
N LYS B 251 -39.22 -37.35 -6.91
CA LYS B 251 -39.52 -36.54 -5.72
C LYS B 251 -39.34 -35.05 -5.93
N ASP B 252 -40.25 -34.26 -5.34
CA ASP B 252 -40.25 -32.80 -5.42
C ASP B 252 -39.63 -32.24 -4.15
N VAL B 253 -38.31 -31.95 -4.21
CA VAL B 253 -37.48 -31.43 -3.13
C VAL B 253 -38.13 -30.26 -2.37
N ARG B 254 -38.73 -29.28 -3.10
CA ARG B 254 -39.29 -28.06 -2.50
C ARG B 254 -40.50 -28.32 -1.55
N LYS B 255 -41.01 -29.56 -1.46
CA LYS B 255 -42.08 -29.96 -0.52
C LYS B 255 -41.57 -29.98 0.94
N ASP B 256 -40.23 -29.90 1.12
CA ASP B 256 -39.54 -29.87 2.41
C ASP B 256 -38.54 -28.70 2.36
N ASN B 257 -38.89 -27.55 3.02
CA ASN B 257 -38.08 -26.33 3.05
C ASN B 257 -36.71 -26.54 3.73
N ARG B 258 -36.67 -27.45 4.72
CA ARG B 258 -35.43 -27.80 5.43
C ARG B 258 -34.46 -28.50 4.48
N ALA B 259 -34.96 -29.42 3.60
CA ALA B 259 -34.15 -30.09 2.57
C ALA B 259 -33.57 -29.05 1.60
N VAL B 260 -34.40 -28.03 1.23
CA VAL B 260 -34.02 -26.91 0.37
C VAL B 260 -32.88 -26.12 1.04
N GLN B 261 -33.05 -25.77 2.34
CA GLN B 261 -32.06 -24.98 3.09
C GLN B 261 -30.73 -25.75 3.24
N LYS B 262 -30.80 -27.07 3.46
CA LYS B 262 -29.59 -27.92 3.58
C LYS B 262 -28.85 -27.92 2.24
N LEU B 263 -29.60 -28.05 1.12
CA LEU B 263 -29.01 -28.03 -0.23
C LEU B 263 -28.42 -26.64 -0.50
N ARG B 264 -29.11 -25.54 -0.09
CA ARG B 264 -28.63 -24.18 -0.28
C ARG B 264 -27.28 -23.99 0.40
N ARG B 265 -27.15 -24.46 1.65
CA ARG B 265 -25.91 -24.31 2.41
C ARG B 265 -24.76 -25.09 1.75
N GLU B 266 -25.03 -26.34 1.26
CA GLU B 266 -23.98 -27.14 0.62
C GLU B 266 -23.61 -26.59 -0.77
N VAL B 267 -24.59 -26.02 -1.53
CA VAL B 267 -24.37 -25.43 -2.86
C VAL B 267 -23.44 -24.21 -2.75
N GLU B 268 -23.66 -23.34 -1.73
CA GLU B 268 -22.83 -22.16 -1.49
C GLU B 268 -21.38 -22.55 -1.21
N LYS B 269 -21.20 -23.64 -0.42
CA LYS B 269 -19.87 -24.17 -0.07
C LYS B 269 -19.18 -24.70 -1.33
N ALA B 270 -19.93 -25.44 -2.18
CA ALA B 270 -19.43 -26.02 -3.43
C ALA B 270 -19.07 -24.94 -4.47
N LYS B 271 -19.91 -23.87 -4.57
CA LYS B 271 -19.66 -22.75 -5.47
C LYS B 271 -18.31 -22.12 -5.14
N ARG B 272 -18.05 -21.87 -3.84
CA ARG B 272 -16.79 -21.27 -3.37
C ARG B 272 -15.61 -22.16 -3.77
N ALA B 273 -15.75 -23.50 -3.65
CA ALA B 273 -14.71 -24.46 -4.00
C ALA B 273 -14.39 -24.43 -5.49
N LEU B 274 -15.41 -24.20 -6.35
CA LEU B 274 -15.23 -24.17 -7.79
C LEU B 274 -14.46 -22.95 -8.30
N SER B 275 -14.12 -22.02 -7.41
CA SER B 275 -13.33 -20.85 -7.76
C SER B 275 -11.84 -21.23 -7.77
N SER B 276 -11.50 -22.37 -7.11
CA SER B 276 -10.11 -22.83 -7.02
C SER B 276 -9.92 -24.29 -7.49
N GLN B 277 -11.03 -25.05 -7.66
CA GLN B 277 -10.97 -26.42 -8.18
C GLN B 277 -11.95 -26.63 -9.33
N HIS B 278 -11.79 -27.71 -10.10
CA HIS B 278 -12.62 -27.94 -11.27
C HIS B 278 -13.81 -28.86 -11.01
N GLN B 279 -13.92 -29.40 -9.78
CA GLN B 279 -15.01 -30.30 -9.39
C GLN B 279 -15.31 -30.16 -7.89
N ALA B 280 -16.59 -30.22 -7.51
CA ALA B 280 -17.02 -30.13 -6.11
C ALA B 280 -18.00 -31.26 -5.81
N ARG B 281 -18.01 -31.73 -4.55
CA ARG B 281 -18.90 -32.81 -4.09
C ARG B 281 -19.91 -32.25 -3.11
N ILE B 282 -21.20 -32.53 -3.35
CA ILE B 282 -22.28 -32.11 -2.44
C ILE B 282 -22.87 -33.39 -1.85
N GLU B 283 -22.83 -33.50 -0.51
CA GLU B 283 -23.34 -34.65 0.23
C GLU B 283 -24.24 -34.21 1.38
N ILE B 284 -25.46 -34.78 1.45
CA ILE B 284 -26.45 -34.49 2.49
C ILE B 284 -27.04 -35.82 2.95
N GLU B 285 -26.81 -36.16 4.23
CA GLU B 285 -27.38 -37.40 4.77
C GLU B 285 -28.84 -37.16 5.16
N SER B 286 -29.70 -38.17 4.91
CA SER B 286 -31.16 -38.12 5.15
C SER B 286 -31.75 -36.83 4.55
N PHE B 287 -31.35 -36.55 3.27
CA PHE B 287 -31.73 -35.35 2.54
C PHE B 287 -33.24 -35.21 2.34
N TYR B 288 -33.86 -36.21 1.73
CA TYR B 288 -35.29 -36.22 1.44
C TYR B 288 -35.88 -37.58 1.63
N GLU B 289 -36.92 -37.67 2.50
CA GLU B 289 -37.62 -38.92 2.84
C GLU B 289 -36.65 -40.03 3.29
N GLY B 290 -35.66 -39.62 4.11
CA GLY B 290 -34.63 -40.51 4.64
C GLY B 290 -33.56 -40.95 3.65
N GLU B 291 -33.61 -40.46 2.40
CA GLU B 291 -32.63 -40.83 1.37
C GLU B 291 -31.51 -39.79 1.33
N ASP B 292 -30.28 -40.28 1.15
CA ASP B 292 -29.10 -39.41 1.08
C ASP B 292 -28.92 -38.81 -0.31
N PHE B 293 -28.34 -37.61 -0.35
CA PHE B 293 -28.02 -36.88 -1.57
C PHE B 293 -26.51 -36.92 -1.75
N SER B 294 -26.06 -37.33 -2.94
CA SER B 294 -24.65 -37.34 -3.31
C SER B 294 -24.54 -37.01 -4.80
N GLU B 295 -24.02 -35.82 -5.11
CA GLU B 295 -23.86 -35.38 -6.50
C GLU B 295 -22.57 -34.59 -6.66
N THR B 296 -22.10 -34.46 -7.92
CA THR B 296 -20.92 -33.66 -8.25
C THR B 296 -21.29 -32.50 -9.19
N LEU B 297 -20.52 -31.43 -9.11
CA LEU B 297 -20.70 -30.26 -9.95
C LEU B 297 -19.33 -29.88 -10.49
N THR B 298 -19.21 -29.77 -11.83
CA THR B 298 -17.96 -29.35 -12.47
C THR B 298 -17.95 -27.82 -12.57
N ARG B 299 -16.77 -27.23 -12.79
CA ARG B 299 -16.64 -25.77 -12.98
C ARG B 299 -17.36 -25.41 -14.28
N ALA B 300 -17.17 -26.24 -15.34
CA ALA B 300 -17.80 -26.09 -16.66
C ALA B 300 -19.34 -26.00 -16.57
N LYS B 301 -19.98 -26.94 -15.81
CA LYS B 301 -21.45 -26.93 -15.61
C LYS B 301 -21.87 -25.68 -14.83
N PHE B 302 -21.14 -25.35 -13.75
CA PHE B 302 -21.42 -24.15 -12.94
C PHE B 302 -21.42 -22.90 -13.84
N GLU B 303 -20.41 -22.81 -14.72
CA GLU B 303 -20.25 -21.71 -15.69
C GLU B 303 -21.39 -21.70 -16.69
N GLU B 304 -21.74 -22.87 -17.27
CA GLU B 304 -22.83 -23.04 -18.23
C GLU B 304 -24.16 -22.58 -17.61
N LEU B 305 -24.44 -23.00 -16.36
CA LEU B 305 -25.66 -22.67 -15.61
C LEU B 305 -25.82 -21.18 -15.33
N ASN B 306 -24.70 -20.45 -15.30
CA ASN B 306 -24.64 -19.03 -14.95
C ASN B 306 -24.08 -18.10 -16.03
N MET B 307 -23.79 -18.61 -17.25
CA MET B 307 -23.15 -17.85 -18.32
C MET B 307 -23.85 -16.53 -18.67
N ASP B 308 -25.19 -16.55 -18.86
CA ASP B 308 -25.97 -15.34 -19.16
C ASP B 308 -25.80 -14.30 -18.06
N LEU B 309 -25.87 -14.74 -16.76
CA LEU B 309 -25.72 -13.87 -15.61
C LEU B 309 -24.34 -13.24 -15.57
N PHE B 310 -23.28 -14.05 -15.78
CA PHE B 310 -21.89 -13.58 -15.78
C PHE B 310 -21.67 -12.56 -16.91
N ARG B 311 -22.16 -12.86 -18.13
CA ARG B 311 -22.00 -11.95 -19.27
C ARG B 311 -22.79 -10.66 -19.12
N SER B 312 -23.93 -10.70 -18.39
CA SER B 312 -24.77 -9.53 -18.15
C SER B 312 -24.07 -8.42 -17.34
N THR B 313 -22.98 -8.76 -16.62
CA THR B 313 -22.21 -7.80 -15.82
C THR B 313 -21.44 -6.78 -16.68
N MET B 314 -21.20 -7.12 -17.97
CA MET B 314 -20.43 -6.27 -18.89
C MET B 314 -21.21 -5.04 -19.36
N LYS B 315 -22.53 -5.19 -19.59
CA LYS B 315 -23.43 -4.12 -20.05
C LYS B 315 -23.36 -2.85 -19.14
N PRO B 316 -23.52 -2.93 -17.79
CA PRO B 316 -23.40 -1.73 -16.95
C PRO B 316 -22.01 -1.10 -16.97
N VAL B 317 -20.96 -1.93 -17.21
CA VAL B 317 -19.58 -1.44 -17.30
C VAL B 317 -19.46 -0.54 -18.55
N GLN B 318 -20.04 -0.99 -19.68
CA GLN B 318 -20.03 -0.21 -20.93
C GLN B 318 -20.85 1.08 -20.75
N LYS B 319 -22.01 1.01 -20.05
CA LYS B 319 -22.86 2.17 -19.75
C LYS B 319 -22.14 3.23 -18.91
N VAL B 320 -21.41 2.81 -17.82
CA VAL B 320 -20.68 3.78 -16.98
C VAL B 320 -19.59 4.49 -17.79
N LEU B 321 -18.90 3.76 -18.70
CA LEU B 321 -17.84 4.31 -19.55
C LEU B 321 -18.39 5.40 -20.46
N GLU B 322 -19.59 5.18 -21.04
CA GLU B 322 -20.28 6.14 -21.91
C GLU B 322 -20.76 7.37 -21.10
N ASP B 323 -21.36 7.16 -19.92
CA ASP B 323 -21.85 8.21 -19.03
C ASP B 323 -20.72 9.07 -18.42
N SER B 324 -19.48 8.53 -18.38
CA SER B 324 -18.30 9.24 -17.88
C SER B 324 -17.47 9.80 -19.04
N ASP B 325 -17.95 9.62 -20.30
CA ASP B 325 -17.30 10.05 -21.55
C ASP B 325 -15.86 9.48 -21.68
N LEU B 326 -15.69 8.22 -21.24
CA LEU B 326 -14.40 7.52 -21.24
C LEU B 326 -14.43 6.32 -22.16
N LYS B 327 -13.24 5.91 -22.60
CA LYS B 327 -13.03 4.71 -23.40
C LYS B 327 -12.41 3.66 -22.45
N LYS B 328 -12.32 2.39 -22.88
CA LYS B 328 -11.73 1.29 -22.10
C LYS B 328 -10.30 1.60 -21.64
N SER B 329 -9.46 2.11 -22.58
CA SER B 329 -8.05 2.48 -22.36
C SER B 329 -7.84 3.62 -21.35
N ASP B 330 -8.90 4.40 -21.05
CA ASP B 330 -8.85 5.50 -20.06
C ASP B 330 -8.87 5.00 -18.62
N ILE B 331 -9.19 3.71 -18.43
CA ILE B 331 -9.24 3.15 -17.08
C ILE B 331 -7.85 2.80 -16.59
N ASP B 332 -7.43 3.47 -15.49
CA ASP B 332 -6.10 3.30 -14.91
C ASP B 332 -6.03 2.21 -13.86
N GLU B 333 -7.13 1.96 -13.16
CA GLU B 333 -7.24 0.96 -12.09
C GLU B 333 -8.59 0.28 -12.14
N ILE B 334 -8.59 -1.04 -11.98
CA ILE B 334 -9.80 -1.87 -11.89
C ILE B 334 -9.79 -2.47 -10.51
N VAL B 335 -10.84 -2.15 -9.72
CA VAL B 335 -10.97 -2.65 -8.37
C VAL B 335 -12.12 -3.63 -8.30
N LEU B 336 -11.81 -4.85 -7.93
CA LEU B 336 -12.80 -5.93 -7.77
C LEU B 336 -13.26 -5.97 -6.35
N VAL B 337 -14.59 -5.97 -6.15
CA VAL B 337 -15.20 -6.00 -4.82
C VAL B 337 -16.24 -7.10 -4.79
N GLY B 338 -16.32 -7.80 -3.67
CA GLY B 338 -17.27 -8.91 -3.48
C GLY B 338 -16.64 -10.27 -3.71
N GLY B 339 -16.98 -11.23 -2.85
CA GLY B 339 -16.48 -12.60 -2.95
C GLY B 339 -16.73 -13.24 -4.30
N SER B 340 -17.84 -12.88 -4.95
CA SER B 340 -18.19 -13.38 -6.28
C SER B 340 -17.13 -13.03 -7.34
N THR B 341 -16.33 -11.96 -7.12
CA THR B 341 -15.29 -11.60 -8.11
C THR B 341 -14.13 -12.61 -8.11
N ARG B 342 -14.11 -13.51 -7.12
CA ARG B 342 -13.15 -14.62 -7.06
C ARG B 342 -13.48 -15.70 -8.12
N ILE B 343 -14.74 -15.74 -8.64
CA ILE B 343 -15.14 -16.73 -9.67
C ILE B 343 -14.21 -16.55 -10.91
N PRO B 344 -13.45 -17.61 -11.34
CA PRO B 344 -12.53 -17.45 -12.47
C PRO B 344 -13.11 -16.83 -13.72
N LYS B 345 -14.33 -17.28 -14.13
CA LYS B 345 -15.00 -16.77 -15.33
C LYS B 345 -15.29 -15.27 -15.22
N ILE B 346 -15.70 -14.77 -14.03
CA ILE B 346 -15.93 -13.32 -13.79
C ILE B 346 -14.59 -12.57 -13.99
N GLN B 347 -13.51 -13.06 -13.38
CA GLN B 347 -12.16 -12.46 -13.51
C GLN B 347 -11.71 -12.41 -14.97
N GLN B 348 -11.96 -13.49 -15.73
CA GLN B 348 -11.63 -13.62 -17.14
C GLN B 348 -12.42 -12.58 -17.97
N LEU B 349 -13.76 -12.50 -17.76
CA LEU B 349 -14.64 -11.56 -18.47
C LEU B 349 -14.22 -10.11 -18.27
N VAL B 350 -13.92 -9.71 -17.02
CA VAL B 350 -13.51 -8.33 -16.70
C VAL B 350 -12.17 -8.02 -17.38
N LYS B 351 -11.15 -8.90 -17.21
CA LYS B 351 -9.82 -8.76 -17.80
C LYS B 351 -9.92 -8.65 -19.33
N GLU B 352 -10.75 -9.53 -19.96
CA GLU B 352 -10.97 -9.52 -21.42
C GLU B 352 -11.66 -8.25 -21.89
N PHE B 353 -12.63 -7.73 -21.10
CA PHE B 353 -13.34 -6.50 -21.41
C PHE B 353 -12.31 -5.36 -21.49
N PHE B 354 -11.35 -5.34 -20.56
CA PHE B 354 -10.31 -4.30 -20.49
C PHE B 354 -9.01 -4.69 -21.23
N ASN B 355 -9.15 -5.41 -22.36
CA ASN B 355 -8.04 -5.81 -23.26
C ASN B 355 -6.80 -6.42 -22.55
N GLY B 356 -7.04 -7.27 -21.55
CA GLY B 356 -5.98 -7.94 -20.81
C GLY B 356 -5.41 -7.19 -19.62
N LYS B 357 -5.99 -6.02 -19.29
CA LYS B 357 -5.54 -5.24 -18.11
C LYS B 357 -5.83 -5.99 -16.81
N GLU B 358 -4.78 -6.13 -15.98
CA GLU B 358 -4.84 -6.80 -14.68
C GLU B 358 -5.47 -5.91 -13.60
N PRO B 359 -6.46 -6.40 -12.84
CA PRO B 359 -7.04 -5.56 -11.78
C PRO B 359 -6.11 -5.41 -10.58
N SER B 360 -6.38 -4.45 -9.67
CA SER B 360 -5.60 -4.30 -8.42
C SER B 360 -5.72 -5.65 -7.64
N ARG B 361 -4.69 -6.03 -6.87
CA ARG B 361 -4.73 -7.31 -6.14
C ARG B 361 -4.01 -7.25 -4.79
N GLY B 362 -4.41 -8.11 -3.87
CA GLY B 362 -3.80 -8.15 -2.54
C GLY B 362 -4.76 -8.22 -1.37
N ILE B 363 -5.94 -7.55 -1.49
CA ILE B 363 -6.96 -7.55 -0.43
C ILE B 363 -8.08 -8.48 -0.86
N ASN B 364 -8.61 -9.27 0.08
CA ASN B 364 -9.74 -10.14 -0.18
C ASN B 364 -10.89 -9.24 -0.64
N PRO B 365 -11.50 -9.52 -1.81
CA PRO B 365 -12.55 -8.62 -2.33
C PRO B 365 -13.78 -8.52 -1.44
N ASP B 366 -14.04 -9.55 -0.57
CA ASP B 366 -15.20 -9.47 0.31
C ASP B 366 -14.91 -8.55 1.50
N GLU B 367 -13.63 -8.21 1.71
CA GLU B 367 -13.23 -7.37 2.87
C GLU B 367 -12.77 -5.97 2.50
N ALA B 368 -12.58 -5.68 1.18
CA ALA B 368 -12.02 -4.39 0.72
C ALA B 368 -12.77 -3.18 1.24
N VAL B 369 -14.10 -3.25 1.28
CA VAL B 369 -14.93 -2.12 1.71
C VAL B 369 -14.72 -1.85 3.22
N ALA B 370 -14.81 -2.90 4.07
CA ALA B 370 -14.57 -2.75 5.50
C ALA B 370 -13.12 -2.32 5.76
N TYR B 371 -12.16 -2.84 4.98
CA TYR B 371 -10.74 -2.47 5.08
C TYR B 371 -10.57 -0.94 4.89
N GLY B 372 -11.16 -0.37 3.83
CA GLY B 372 -11.09 1.07 3.60
C GLY B 372 -11.75 1.88 4.72
N ALA B 373 -12.93 1.42 5.20
CA ALA B 373 -13.63 2.03 6.35
C ALA B 373 -12.71 2.01 7.57
N ALA B 374 -11.99 0.87 7.82
CA ALA B 374 -11.06 0.73 8.95
C ALA B 374 -9.86 1.65 8.81
N VAL B 375 -9.39 1.91 7.59
CA VAL B 375 -8.27 2.85 7.35
C VAL B 375 -8.74 4.23 7.87
N GLN B 376 -9.97 4.66 7.50
CA GLN B 376 -10.50 5.95 7.96
C GLN B 376 -10.75 5.94 9.47
N ALA B 377 -11.23 4.79 10.01
CA ALA B 377 -11.50 4.64 11.45
C ALA B 377 -10.20 4.83 12.23
N GLY B 378 -9.07 4.30 11.68
CA GLY B 378 -7.75 4.44 12.30
C GLY B 378 -7.33 5.89 12.47
N VAL B 379 -7.58 6.72 11.43
CA VAL B 379 -7.26 8.15 11.47
C VAL B 379 -8.09 8.83 12.56
N LEU B 380 -9.39 8.53 12.64
CA LEU B 380 -10.26 9.12 13.64
C LEU B 380 -9.98 8.70 15.08
N SER B 381 -9.36 7.51 15.29
CA SER B 381 -9.01 6.97 16.59
C SER B 381 -7.73 7.64 17.14
N GLY B 382 -6.90 8.19 16.25
CA GLY B 382 -5.65 8.83 16.62
C GLY B 382 -4.54 7.82 16.92
O3 H5V C . 23.67 12.29 -6.78
O4 H5V C . 20.78 9.47 -4.24
C9 H5V C . 21.53 13.46 -6.49
C10 H5V C . 20.68 12.45 -7.30
C11 H5V C . 22.55 12.46 -5.91
C12 H5V C . 21.77 11.13 -5.74
C13 H5V C . 20.82 14.30 -5.44
C14 H5V C . 21.45 10.73 -4.31
C15 H5V C . 18.92 12.91 -9.13
O1 H5V C . 20.53 11.32 -6.48
O2 H5V C . 22.14 14.30 -7.48
N5 H5V C . 19.32 12.86 -7.81
N6 H5V C . 19.71 12.68 -10.19
N7 H5V C . 17.77 13.16 -11.53
N8 H5V C . 15.79 13.94 -10.66
C16 H5V C . 18.22 13.19 -7.02
C17 H5V C . 17.57 13.27 -9.17
C18 H5V C . 17.14 13.43 -7.81
C19 H5V C . 17.01 13.41 -10.45
C20 H5V C . 19.05 12.82 -11.35
HO3 H5V C . 24.44 12.72 -6.32
HO4 H5V C . 21.36 8.81 -4.72
HC10 H5V C . 21.23 12.11 -8.18
HC11 H5V C . 22.91 12.82 -4.94
HC12 H5V C . 22.31 10.32 -6.23
H13A H5V C . 20.09 14.95 -5.90
H13C H5V C . 21.51 14.94 -4.90
H13B H5V C . 20.30 13.69 -4.69
H14A H5V C . 20.87 11.52 -3.83
H14B H5V C . 22.39 10.65 -3.76
HO2 H5V C . 23.01 14.61 -7.12
HN8A H5V C . 15.22 14.23 -9.86
HN8B H5V C . 15.40 14.05 -11.59
HC16 H5V C . 18.31 13.27 -5.94
HC18 H5V C . 16.13 13.71 -7.49
HC20 H5V C . 19.63 12.66 -12.26
O3 H5V D . -22.64 -14.99 -2.48
O4 H5V D . -20.20 -11.12 -1.12
C9 H5V D . -20.66 -15.66 -1.16
C10 H5V D . -19.64 -15.15 -2.19
C11 H5V D . -21.76 -14.61 -1.41
C12 H5V D . -20.96 -13.31 -1.75
C13 H5V D . -20.21 -15.71 0.29
C14 H5V D . -20.92 -12.25 -0.67
C15 H5V D . -17.67 -16.36 -3.21
O1 H5V D . -19.60 -13.76 -2.03
O2 H5V D . -21.05 -16.96 -1.64
N5 H5V D . -18.27 -15.65 -2.19
N6 H5V D . -18.22 -16.70 -4.38
N7 H5V D . -16.18 -17.89 -4.83
N8 H5V D . -14.47 -18.09 -3.29
C16 H5V D . -17.37 -15.55 -1.15
C17 H5V D . -16.39 -16.72 -2.76
C18 H5V D . -16.21 -16.17 -1.46
C19 H5V D . -15.64 -17.54 -3.65
C20 H5V D . -17.42 -17.48 -5.11
HO3 H5V D . -23.53 -14.65 -2.25
HO4 H5V D . -19.28 -11.22 -0.77
HC10 H5V D . -20.03 -15.31 -3.20
HC11 H5V D . -22.35 -14.48 -0.51
HC12 H5V D . -21.36 -12.87 -2.66
H13A H5V D . -21.03 -15.99 0.94
H13C H5V D . -19.83 -14.75 0.65
H13B H5V D . -19.40 -16.43 0.42
H14A H5V D . -20.51 -12.65 0.26
H14B H5V D . -21.94 -11.94 -0.45
HO2 H5V D . -22.03 -17.05 -1.50
HN8A H5V D . -14.07 -17.92 -2.38
HN8B H5V D . -13.95 -18.70 -3.93
HC16 H5V D . -17.62 -15.02 -0.22
HC18 H5V D . -15.32 -16.26 -0.85
HC20 H5V D . -17.84 -17.87 -6.04
#